data_8P2S
#
_entry.id   8P2S
#
_cell.length_a   1.00
_cell.length_b   1.00
_cell.length_c   1.00
_cell.angle_alpha   90.00
_cell.angle_beta   90.00
_cell.angle_gamma   90.00
#
_symmetry.space_group_name_H-M   'P 1'
#
loop_
_entity.id
_entity.type
_entity.pdbx_description
1 polymer 'Anaerobic ribonucleoside-triphosphate reductase'
2 non-polymer "THYMIDINE-5'-TRIPHOSPHATE"
3 non-polymer 'MAGNESIUM ION'
4 non-polymer "GUANOSINE-5'-TRIPHOSPHATE"
5 non-polymer 'ZINC ION'
#
_entity_poly.entity_id   1
_entity_poly.type   'polypeptide(L)'
_entity_poly.pdbx_seq_one_letter_code
;GPGSMIQTVVKRDGRIVGFNEQKIMAAIRKAMLHTDKGEDTTLIEQITDHISYRGKSQMSVEAIQDAIEMELMKSARKDV
AQKYIAYRNQRNIARKAKTRDVFMSIVNAKNNDITRENANMNADTPAGMMMKFASETTKPFVDDYLLSEDVRDAVMHNYI
HIHDKDYYPTKSLTCVQHPLDVILNHGFTAGHGSSRPAKRIETAAVLACISLETCQNEMHGGQAIPAFDFYLAPYVRMSY
QEEVKNLEKLTGEDLSNLYDAPIDDYIEKPLDGLQGRERLEQHAINKTVNRVHQAMEAFIHNMNTIHSRGGNQVVFSSIN
YGTDTSAEGRCIMREILQSTYQGVGNGETAIFPIQIWKKKRGVNYLPEDRNYDLYKLACKVTARRFFPNFLNLDATFNQN
EKWRADDPERYKWEIATMGCRTRVFEDRWGEKTSIARGNLSFSTINIVKLAIECMGIENEKQRIDMFFAKLDNILDITAK
QLDERFQFQKTAMAKQFPLLMKYLWVGAENLKPEETIESVINHGTLGIGFIGLAECLVALIGKHHGESEKAQELGLKIIT
YMRDRANEFSEQYHHNYSILATPAEGLSGKFTKKDRKQFGVIPGVTDRDYYTNSNHVPVYYKCTALKKAQIEAPYHDLTR
GGHIFYVEIDGDATHNPSVIESVVDMMDKYNMGYGSVNHNRNRCLDCGYENADAHLEVCPKCGSHHIDKLQRITGYLVGT
TDRWNSGKLAELHDRVTHIGGEK
;
_entity_poly.pdbx_strand_id   A,B
#
loop_
_chem_comp.id
_chem_comp.type
_chem_comp.name
_chem_comp.formula
GTP non-polymer GUANOSINE-5'-TRIPHOSPHATE 'C10 H16 N5 O14 P3'
MG non-polymer 'MAGNESIUM ION' 'Mg 2'
TTP non-polymer THYMIDINE-5'-TRIPHOSPHATE 'C10 H17 N2 O14 P3'
ZN non-polymer 'ZINC ION' 'Zn 2'
#
# COMPACT_ATOMS: atom_id res chain seq x y z
N ASP A 124 -0.94 0.68 17.90
CA ASP A 124 -1.94 -0.25 18.40
C ASP A 124 -2.53 -1.07 17.27
N THR A 125 -2.40 -0.57 16.05
CA THR A 125 -2.84 -1.31 14.89
C THR A 125 -1.90 -2.50 14.64
N PRO A 126 -2.40 -3.57 14.01
CA PRO A 126 -1.53 -4.72 13.70
C PRO A 126 -0.32 -4.35 12.87
N ALA A 127 -0.47 -3.46 11.89
CA ALA A 127 0.66 -3.05 11.07
C ALA A 127 1.70 -2.30 11.90
N GLY A 128 1.25 -1.42 12.79
CA GLY A 128 2.18 -0.73 13.67
C GLY A 128 2.92 -1.68 14.58
N MET A 129 2.21 -2.69 15.11
CA MET A 129 2.86 -3.70 15.94
C MET A 129 3.89 -4.49 15.13
N MET A 130 3.56 -4.83 13.89
CA MET A 130 4.51 -5.57 13.05
C MET A 130 5.76 -4.75 12.79
N MET A 131 5.60 -3.46 12.50
CA MET A 131 6.76 -2.61 12.30
C MET A 131 7.57 -2.43 13.57
N LYS A 132 6.90 -2.35 14.72
CA LYS A 132 7.61 -2.25 15.99
C LYS A 132 8.43 -3.50 16.25
N PHE A 133 7.86 -4.69 15.98
CA PHE A 133 8.61 -5.93 16.13
C PHE A 133 9.79 -5.97 15.18
N ALA A 134 9.59 -5.53 13.93
CA ALA A 134 10.68 -5.52 12.96
C ALA A 134 11.80 -4.59 13.42
N SER A 135 11.46 -3.41 13.92
CA SER A 135 12.49 -2.49 14.41
C SER A 135 13.23 -3.07 15.61
N GLU A 136 12.49 -3.71 16.53
CA GLU A 136 13.12 -4.27 17.72
C GLU A 136 13.98 -5.49 17.39
N THR A 137 13.73 -6.14 16.27
CA THR A 137 14.60 -7.24 15.85
C THR A 137 15.68 -6.81 14.88
N THR A 138 15.62 -5.59 14.33
CA THR A 138 16.66 -5.10 13.44
C THR A 138 17.71 -4.24 14.15
N LYS A 139 17.30 -3.34 15.04
CA LYS A 139 18.28 -2.46 15.67
C LYS A 139 19.35 -3.23 16.45
N PRO A 140 19.02 -4.20 17.30
CA PRO A 140 20.10 -5.02 17.89
C PRO A 140 20.92 -5.74 16.84
N PHE A 141 20.30 -6.14 15.73
CA PHE A 141 21.06 -6.86 14.71
C PHE A 141 22.07 -5.96 14.02
N VAL A 142 21.65 -4.75 13.63
CA VAL A 142 22.60 -3.83 12.99
C VAL A 142 23.68 -3.42 13.97
N ASP A 143 23.33 -3.32 15.26
CA ASP A 143 24.35 -3.03 16.26
C ASP A 143 25.44 -4.09 16.31
N ASP A 144 25.20 -5.28 15.78
CA ASP A 144 26.15 -6.38 15.79
C ASP A 144 26.53 -6.79 14.36
N TYR A 145 27.81 -7.07 14.14
CA TYR A 145 28.33 -7.62 12.89
C TYR A 145 28.28 -6.61 11.75
N LEU A 146 27.63 -5.46 11.95
CA LEU A 146 27.53 -4.44 10.91
C LEU A 146 28.22 -3.15 11.32
N LEU A 147 27.90 -2.60 12.50
CA LEU A 147 28.60 -1.43 12.98
C LEU A 147 30.02 -1.79 13.37
N SER A 148 30.97 -0.93 13.02
CA SER A 148 32.35 -1.15 13.41
C SER A 148 32.49 -0.97 14.93
N GLU A 149 33.63 -1.41 15.45
CA GLU A 149 33.87 -1.33 16.89
C GLU A 149 33.82 0.12 17.38
N ASP A 150 34.51 1.02 16.67
CA ASP A 150 34.49 2.42 17.05
C ASP A 150 33.09 3.02 16.86
N VAL A 151 32.41 2.65 15.78
CA VAL A 151 31.08 3.18 15.52
C VAL A 151 30.09 2.72 16.60
N ARG A 152 30.14 1.44 16.93
CA ARG A 152 29.24 0.92 17.97
C ARG A 152 29.57 1.55 19.32
N ASP A 153 30.85 1.75 19.60
CA ASP A 153 31.24 2.41 20.84
C ASP A 153 30.68 3.83 20.90
N ALA A 154 30.77 4.57 19.80
CA ALA A 154 30.24 5.93 19.78
C ALA A 154 28.73 5.94 19.93
N VAL A 155 28.04 5.03 19.26
CA VAL A 155 26.58 5.00 19.34
C VAL A 155 26.12 4.65 20.75
N MET A 156 26.74 3.64 21.36
CA MET A 156 26.34 3.21 22.69
C MET A 156 26.71 4.22 23.77
N HIS A 157 27.64 5.13 23.49
CA HIS A 157 28.06 6.14 24.46
C HIS A 157 27.31 7.45 24.30
N ASN A 158 26.21 7.46 23.55
CA ASN A 158 25.34 8.64 23.41
C ASN A 158 26.06 9.78 22.68
N TYR A 159 26.87 9.43 21.69
CA TYR A 159 27.55 10.40 20.85
C TYR A 159 26.88 10.55 19.49
N ILE A 160 26.58 9.44 18.83
CA ILE A 160 26.02 9.42 17.48
C ILE A 160 24.67 8.74 17.52
N HIS A 161 23.66 9.38 16.93
CA HIS A 161 22.36 8.77 16.69
C HIS A 161 22.27 8.45 15.21
N ILE A 162 22.29 7.17 14.88
CA ILE A 162 22.18 6.72 13.48
C ILE A 162 20.70 6.72 13.14
N HIS A 163 20.26 7.73 12.40
CA HIS A 163 18.85 7.80 12.02
C HIS A 163 18.48 6.66 11.11
N ASP A 164 17.29 6.10 11.33
CA ASP A 164 16.82 4.92 10.62
C ASP A 164 17.81 3.76 10.78
N LYS A 165 18.17 3.48 12.04
CA LYS A 165 18.98 2.31 12.32
C LYS A 165 18.22 1.03 11.98
N ASP A 166 16.92 1.00 12.26
CA ASP A 166 16.04 0.09 11.55
C ASP A 166 15.92 0.54 10.10
N TYR A 167 15.84 -0.44 9.20
CA TYR A 167 15.97 -0.32 7.74
C TYR A 167 17.44 -0.30 7.33
N TYR A 168 18.38 -0.31 8.26
CA TYR A 168 19.78 -0.51 7.90
C TYR A 168 20.01 -1.85 7.20
N PRO A 169 19.48 -2.98 7.68
CA PRO A 169 19.67 -4.24 6.93
C PRO A 169 19.03 -4.22 5.55
N THR A 170 18.07 -3.34 5.31
CA THR A 170 17.39 -3.26 4.02
C THR A 170 18.21 -2.53 2.96
N LYS A 171 19.33 -1.92 3.34
CA LYS A 171 20.16 -1.13 2.43
C LYS A 171 19.36 0.00 1.79
N SER A 172 18.34 0.48 2.50
CA SER A 172 17.45 1.49 1.97
C SER A 172 18.07 2.88 2.06
N LEU A 173 17.69 3.74 1.12
CA LEU A 173 18.07 5.14 1.13
C LEU A 173 17.01 5.94 1.89
N THR A 174 17.31 7.22 2.16
CA THR A 174 16.41 8.01 2.99
C THR A 174 15.25 8.60 2.19
N CYS A 175 15.55 9.51 1.26
CA CYS A 175 14.50 10.33 0.66
C CYS A 175 14.82 10.59 -0.80
N VAL A 176 13.82 11.12 -1.50
CA VAL A 176 13.98 11.46 -2.92
C VAL A 176 12.98 12.52 -3.31
N GLN A 177 13.36 13.34 -4.29
CA GLN A 177 12.45 14.21 -5.02
C GLN A 177 12.07 13.49 -6.31
N HIS A 178 10.82 13.08 -6.41
CA HIS A 178 10.36 12.26 -7.50
C HIS A 178 10.37 13.05 -8.81
N PRO A 179 11.05 12.57 -9.85
CA PRO A 179 10.78 13.11 -11.19
C PRO A 179 9.48 12.53 -11.72
N LEU A 180 8.40 13.32 -11.65
CA LEU A 180 7.10 12.81 -12.02
C LEU A 180 6.84 12.84 -13.51
N ASP A 181 7.66 13.56 -14.28
CA ASP A 181 7.47 13.58 -15.73
C ASP A 181 7.67 12.19 -16.32
N VAL A 182 8.68 11.46 -15.85
CA VAL A 182 8.94 10.12 -16.37
C VAL A 182 7.75 9.21 -16.11
N ILE A 183 7.26 9.19 -14.87
CA ILE A 183 6.14 8.31 -14.51
C ILE A 183 4.89 8.72 -15.27
N LEU A 184 4.63 10.02 -15.36
CA LEU A 184 3.36 10.48 -15.94
C LEU A 184 3.37 10.38 -17.46
N ASN A 185 4.54 10.38 -18.10
CA ASN A 185 4.59 10.35 -19.55
C ASN A 185 4.83 8.95 -20.09
N HIS A 186 5.49 8.08 -19.33
CA HIS A 186 5.76 6.72 -19.79
C HIS A 186 5.06 5.66 -18.95
N GLY A 187 4.20 6.07 -18.01
CA GLY A 187 3.63 5.11 -17.11
C GLY A 187 4.69 4.56 -16.19
N PHE A 188 4.41 3.38 -15.64
CA PHE A 188 5.43 2.67 -14.86
C PHE A 188 5.08 1.20 -14.81
N THR A 189 6.07 0.38 -14.49
CA THR A 189 5.90 -1.06 -14.30
C THR A 189 6.72 -1.48 -13.09
N ALA A 190 6.11 -1.45 -11.91
CA ALA A 190 6.75 -1.88 -10.68
C ALA A 190 6.20 -3.25 -10.32
N GLY A 191 7.02 -4.28 -10.43
CA GLY A 191 6.54 -5.63 -10.22
C GLY A 191 5.48 -5.97 -11.26
N HIS A 192 4.32 -6.38 -10.78
CA HIS A 192 3.18 -6.64 -11.65
C HIS A 192 2.24 -5.44 -11.76
N GLY A 193 2.53 -4.35 -11.07
CA GLY A 193 1.73 -3.15 -11.17
C GLY A 193 2.17 -2.24 -12.31
N SER A 194 1.37 -2.15 -13.37
CA SER A 194 1.70 -1.39 -14.55
C SER A 194 0.62 -0.35 -14.81
N SER A 195 1.05 0.88 -15.05
CA SER A 195 0.15 1.98 -15.37
C SER A 195 0.59 2.67 -16.66
N ARG A 196 -0.38 2.95 -17.52
CA ARG A 196 -0.16 3.63 -18.78
C ARG A 196 0.05 5.12 -18.54
N PRO A 197 0.57 5.85 -19.53
CA PRO A 197 0.73 7.30 -19.37
C PRO A 197 -0.59 7.99 -19.10
N ALA A 198 -0.55 9.01 -18.25
CA ALA A 198 -1.76 9.72 -17.85
C ALA A 198 -2.35 10.50 -19.01
N LYS A 199 -3.68 10.67 -18.97
CA LYS A 199 -4.41 11.42 -19.99
C LYS A 199 -5.29 12.50 -19.39
N ARG A 200 -5.18 12.74 -18.09
CA ARG A 200 -6.06 13.66 -17.38
C ARG A 200 -5.39 14.12 -16.10
N ILE A 201 -5.97 15.14 -15.48
CA ILE A 201 -5.55 15.54 -14.15
C ILE A 201 -5.97 14.54 -13.10
N GLU A 202 -7.15 13.93 -13.27
CA GLU A 202 -7.62 12.94 -12.30
C GLU A 202 -6.68 11.76 -12.21
N THR A 203 -6.19 11.27 -13.35
CA THR A 203 -5.23 10.19 -13.33
C THR A 203 -3.84 10.67 -12.94
N ALA A 204 -3.49 11.92 -13.27
CA ALA A 204 -2.17 12.44 -12.93
C ALA A 204 -1.99 12.55 -11.41
N ALA A 205 -3.00 13.07 -10.72
CA ALA A 205 -2.92 13.16 -9.26
C ALA A 205 -2.83 11.79 -8.62
N VAL A 206 -3.61 10.82 -9.12
CA VAL A 206 -3.57 9.48 -8.56
C VAL A 206 -2.23 8.82 -8.83
N LEU A 207 -1.64 9.07 -10.01
CA LEU A 207 -0.31 8.54 -10.29
C LEU A 207 0.76 9.17 -9.40
N ALA A 208 0.61 10.46 -9.08
CA ALA A 208 1.52 11.09 -8.14
C ALA A 208 1.42 10.44 -6.76
N CYS A 209 0.18 10.22 -6.29
CA CYS A 209 -0.02 9.53 -5.02
C CYS A 209 0.57 8.13 -5.06
N ILE A 210 0.37 7.41 -6.17
CA ILE A 210 0.87 6.05 -6.29
C ILE A 210 2.39 6.02 -6.27
N SER A 211 3.03 6.96 -6.98
CA SER A 211 4.48 7.02 -6.98
C SER A 211 5.02 7.30 -5.58
N LEU A 212 4.41 8.26 -4.88
CA LEU A 212 4.87 8.57 -3.52
C LEU A 212 4.70 7.37 -2.59
N GLU A 213 3.54 6.71 -2.66
CA GLU A 213 3.29 5.56 -1.79
C GLU A 213 4.22 4.40 -2.11
N THR A 214 4.44 4.14 -3.39
CA THR A 214 5.30 3.03 -3.79
C THR A 214 6.74 3.26 -3.36
N CYS A 215 7.25 4.48 -3.56
CA CYS A 215 8.61 4.77 -3.16
C CYS A 215 8.77 4.95 -1.66
N GLN A 216 7.67 5.19 -0.94
CA GLN A 216 7.75 5.25 0.52
C GLN A 216 7.98 3.87 1.13
N ASN A 217 7.56 2.82 0.44
CA ASN A 217 7.81 1.46 0.91
C ASN A 217 9.18 0.95 0.50
N GLU A 218 9.93 1.72 -0.28
CA GLU A 218 11.29 1.37 -0.65
C GLU A 218 12.33 2.24 0.05
N MET A 219 11.90 3.27 0.78
CA MET A 219 12.80 4.17 1.47
C MET A 219 12.22 4.49 2.84
N HIS A 220 13.10 4.93 3.75
CA HIS A 220 12.71 5.18 5.13
C HIS A 220 12.58 6.66 5.46
N GLY A 221 12.51 7.53 4.45
CA GLY A 221 12.36 8.94 4.70
C GLY A 221 11.25 9.59 3.91
N GLY A 222 11.35 10.90 3.69
CA GLY A 222 10.29 11.63 3.03
C GLY A 222 10.30 11.46 1.52
N GLN A 223 9.14 11.69 0.91
CA GLN A 223 8.98 11.71 -0.52
C GLN A 223 8.51 13.10 -0.93
N ALA A 224 9.16 13.68 -1.95
CA ALA A 224 8.79 15.03 -2.35
C ALA A 224 8.47 15.09 -3.84
N ILE A 225 7.64 16.08 -4.19
CA ILE A 225 7.41 16.45 -5.58
C ILE A 225 8.05 17.81 -5.80
N PRO A 226 9.24 17.87 -6.41
CA PRO A 226 9.96 19.14 -6.53
C PRO A 226 9.19 20.23 -7.27
N ALA A 227 8.48 19.87 -8.34
CA ALA A 227 7.75 20.85 -9.14
C ALA A 227 6.32 20.33 -9.32
N PHE A 228 5.48 20.57 -8.32
CA PHE A 228 4.10 20.12 -8.39
C PHE A 228 3.33 20.88 -9.46
N ASP A 229 3.61 22.17 -9.62
CA ASP A 229 2.91 22.96 -10.62
C ASP A 229 3.42 22.68 -12.03
N PHE A 230 4.73 22.40 -12.18
CA PHE A 230 5.26 22.05 -13.49
C PHE A 230 4.86 20.64 -13.93
N TYR A 231 4.80 19.69 -13.01
CA TYR A 231 4.46 18.32 -13.38
C TYR A 231 2.97 18.19 -13.70
N LEU A 232 2.12 18.83 -12.91
CA LEU A 232 0.68 18.88 -13.17
C LEU A 232 0.39 20.22 -13.82
N ALA A 233 0.25 20.22 -15.14
CA ALA A 233 0.00 21.41 -15.94
C ALA A 233 -0.28 21.03 -17.39
N PRO A 234 0.50 20.14 -18.03
CA PRO A 234 0.06 19.64 -19.33
C PRO A 234 -1.27 18.92 -19.27
N TYR A 235 -1.54 18.24 -18.16
CA TYR A 235 -2.77 17.48 -18.01
C TYR A 235 -3.97 18.37 -17.73
N VAL A 236 -3.77 19.57 -17.20
CA VAL A 236 -4.84 20.56 -17.16
C VAL A 236 -5.27 20.92 -18.57
N ARG A 237 -4.30 21.14 -19.47
CA ARG A 237 -4.62 21.43 -20.85
C ARG A 237 -5.28 20.23 -21.53
N MET A 238 -4.82 19.02 -21.21
CA MET A 238 -5.47 17.84 -21.80
C MET A 238 -6.90 17.67 -21.31
N SER A 239 -7.17 17.97 -20.04
CA SER A 239 -8.54 17.96 -19.54
C SER A 239 -9.39 19.02 -20.23
N TYR A 240 -8.83 20.21 -20.45
CA TYR A 240 -9.53 21.26 -21.17
C TYR A 240 -9.84 20.82 -22.60
N GLN A 241 -8.90 20.15 -23.25
CA GLN A 241 -9.14 19.62 -24.59
C GLN A 241 -10.22 18.55 -24.59
N GLU A 242 -10.25 17.70 -23.57
CA GLU A 242 -11.34 16.73 -23.46
C GLU A 242 -12.68 17.43 -23.32
N GLU A 243 -12.72 18.50 -22.51
CA GLU A 243 -13.97 19.25 -22.36
C GLU A 243 -14.41 19.87 -23.67
N VAL A 244 -13.50 20.48 -24.41
CA VAL A 244 -13.89 21.12 -25.65
C VAL A 244 -14.27 20.08 -26.71
N LYS A 245 -13.63 18.91 -26.71
CA LYS A 245 -14.04 17.85 -27.63
C LYS A 245 -15.40 17.26 -27.27
N ASN A 246 -15.72 17.15 -25.97
CA ASN A 246 -17.07 16.75 -25.58
C ASN A 246 -18.10 17.78 -25.98
N LEU A 247 -17.80 19.07 -25.85
CA LEU A 247 -18.70 20.10 -26.35
C LEU A 247 -18.84 20.06 -27.87
N GLU A 248 -17.76 19.74 -28.59
CA GLU A 248 -17.84 19.56 -30.03
C GLU A 248 -18.71 18.39 -30.44
N LYS A 249 -18.57 17.24 -29.79
CA LYS A 249 -19.43 16.10 -30.12
C LYS A 249 -20.87 16.35 -29.71
N LEU A 250 -21.08 17.19 -28.69
CA LEU A 250 -22.45 17.59 -28.34
C LEU A 250 -23.04 18.54 -29.37
N THR A 251 -22.22 19.43 -29.95
CA THR A 251 -22.72 20.49 -30.80
C THR A 251 -22.32 20.38 -32.26
N GLY A 252 -21.30 19.59 -32.60
CA GLY A 252 -20.85 19.49 -33.98
C GLY A 252 -20.41 20.81 -34.57
N GLU A 253 -19.63 21.57 -33.82
CA GLU A 253 -19.29 22.95 -34.19
C GLU A 253 -17.82 23.11 -34.55
N ASP A 254 -17.02 22.05 -34.45
CA ASP A 254 -15.61 22.05 -34.85
C ASP A 254 -14.84 23.18 -34.15
N LEU A 255 -14.76 23.06 -32.82
CA LEU A 255 -14.04 24.03 -32.01
C LEU A 255 -12.55 23.71 -31.97
N SER A 256 -11.94 23.53 -33.14
CA SER A 256 -10.53 23.15 -33.19
C SER A 256 -9.59 24.32 -32.95
N ASN A 257 -10.08 25.56 -32.99
CA ASN A 257 -9.25 26.72 -32.69
C ASN A 257 -9.05 26.93 -31.20
N LEU A 258 -9.74 26.17 -30.36
CA LEU A 258 -9.65 26.30 -28.91
C LEU A 258 -8.77 25.22 -28.29
N TYR A 259 -8.08 24.41 -29.10
CA TYR A 259 -7.24 23.36 -28.55
C TYR A 259 -5.95 23.92 -27.97
N ASP A 260 -5.15 24.58 -28.81
CA ASP A 260 -3.86 25.13 -28.41
C ASP A 260 -3.90 26.64 -28.19
N ALA A 261 -5.09 27.21 -28.03
CA ALA A 261 -5.20 28.63 -27.78
C ALA A 261 -4.59 28.97 -26.41
N PRO A 262 -3.97 30.15 -26.27
CA PRO A 262 -3.40 30.54 -24.98
C PRO A 262 -4.49 31.00 -24.02
N ILE A 263 -4.55 30.37 -22.86
CA ILE A 263 -5.50 30.73 -21.81
C ILE A 263 -4.79 31.66 -20.82
N ASP A 264 -5.54 32.62 -20.28
CA ASP A 264 -4.96 33.58 -19.35
C ASP A 264 -4.76 32.98 -17.96
N ASP A 265 -5.85 32.54 -17.31
CA ASP A 265 -5.75 32.08 -15.93
C ASP A 265 -6.66 30.92 -15.56
N TYR A 266 -7.49 30.42 -16.47
CA TYR A 266 -8.46 29.37 -16.17
C TYR A 266 -9.35 29.76 -14.98
N ILE A 267 -10.15 30.80 -15.19
CA ILE A 267 -11.03 31.30 -14.16
C ILE A 267 -12.47 30.93 -14.48
N GLU A 268 -13.31 30.91 -13.45
CA GLU A 268 -14.71 30.53 -13.57
C GLU A 268 -15.58 31.78 -13.44
N LYS A 269 -16.55 31.91 -14.32
CA LYS A 269 -17.44 33.05 -14.41
C LYS A 269 -18.88 32.57 -14.41
N PRO A 270 -19.83 33.44 -14.04
CA PRO A 270 -21.22 32.98 -13.88
C PRO A 270 -21.87 32.46 -15.16
N LEU A 271 -21.35 32.81 -16.34
CA LEU A 271 -21.91 32.40 -17.63
C LEU A 271 -23.33 32.92 -17.85
N ASP A 272 -23.65 34.09 -17.28
CA ASP A 272 -25.03 34.58 -17.33
C ASP A 272 -25.45 34.95 -18.75
N GLY A 273 -24.65 35.75 -19.44
CA GLY A 273 -25.03 36.31 -20.71
C GLY A 273 -23.99 36.18 -21.81
N LEU A 274 -23.29 35.05 -21.84
CA LEU A 274 -22.11 34.87 -22.68
C LEU A 274 -22.38 33.97 -23.89
N GLN A 275 -23.55 34.12 -24.51
CA GLN A 275 -23.97 33.24 -25.61
C GLN A 275 -22.94 33.19 -26.75
N GLY A 276 -23.04 32.16 -27.59
CA GLY A 276 -22.13 31.95 -28.69
C GLY A 276 -21.02 30.98 -28.37
N ARG A 277 -19.95 31.04 -29.16
CA ARG A 277 -18.74 30.29 -28.86
C ARG A 277 -18.11 30.73 -27.55
N GLU A 278 -18.39 31.96 -27.11
CA GLU A 278 -17.94 32.40 -25.80
C GLU A 278 -18.54 31.54 -24.70
N ARG A 279 -19.81 31.17 -24.83
CA ARG A 279 -20.44 30.30 -23.85
C ARG A 279 -19.75 28.94 -23.79
N LEU A 280 -19.45 28.37 -24.95
CA LEU A 280 -18.79 27.07 -24.97
C LEU A 280 -17.39 27.15 -24.38
N GLU A 281 -16.64 28.20 -24.72
CA GLU A 281 -15.29 28.35 -24.18
C GLU A 281 -15.31 28.51 -22.66
N GLN A 282 -16.21 29.35 -22.16
CA GLN A 282 -16.29 29.57 -20.72
C GLN A 282 -16.78 28.32 -20.00
N HIS A 283 -17.71 27.58 -20.61
CA HIS A 283 -18.18 26.34 -20.01
C HIS A 283 -17.06 25.31 -19.94
N ALA A 284 -16.25 25.22 -21.00
CA ALA A 284 -15.11 24.32 -20.98
C ALA A 284 -14.11 24.72 -19.90
N ILE A 285 -13.86 26.03 -19.76
CA ILE A 285 -12.96 26.49 -18.71
C ILE A 285 -13.52 26.17 -17.33
N ASN A 286 -14.84 26.33 -17.16
CA ASN A 286 -15.46 26.01 -15.88
C ASN A 286 -15.31 24.53 -15.56
N LYS A 287 -15.53 23.67 -16.56
CA LYS A 287 -15.39 22.24 -16.33
C LYS A 287 -13.94 21.87 -16.01
N THR A 288 -12.98 22.51 -16.69
CA THR A 288 -11.58 22.27 -16.37
C THR A 288 -11.26 22.70 -14.95
N VAL A 289 -11.78 23.85 -14.52
CA VAL A 289 -11.53 24.33 -13.16
C VAL A 289 -12.13 23.37 -12.15
N ASN A 290 -13.35 22.88 -12.40
CA ASN A 290 -13.97 21.93 -11.49
C ASN A 290 -13.18 20.63 -11.43
N ARG A 291 -12.70 20.15 -12.58
CA ARG A 291 -11.91 18.93 -12.59
C ARG A 291 -10.61 19.10 -11.83
N VAL A 292 -9.94 20.23 -12.00
CA VAL A 292 -8.70 20.49 -11.26
C VAL A 292 -8.99 20.57 -9.77
N HIS A 293 -10.09 21.21 -9.39
CA HIS A 293 -10.46 21.30 -7.99
C HIS A 293 -10.70 19.92 -7.39
N GLN A 294 -11.43 19.07 -8.10
CA GLN A 294 -11.67 17.72 -7.62
C GLN A 294 -10.38 16.91 -7.53
N ALA A 295 -9.49 17.06 -8.51
CA ALA A 295 -8.23 16.35 -8.49
C ALA A 295 -7.35 16.80 -7.33
N MET A 296 -7.32 18.09 -7.04
CA MET A 296 -6.53 18.59 -5.92
C MET A 296 -7.10 18.13 -4.58
N GLU A 297 -8.43 18.17 -4.44
CA GLU A 297 -9.05 17.61 -3.24
C GLU A 297 -8.70 16.12 -3.09
N ALA A 298 -8.74 15.38 -4.20
CA ALA A 298 -8.41 13.97 -4.17
C ALA A 298 -6.97 13.75 -3.73
N PHE A 299 -6.04 14.54 -4.27
CA PHE A 299 -4.64 14.39 -3.91
C PHE A 299 -4.42 14.67 -2.43
N ILE A 300 -5.00 15.77 -1.93
CA ILE A 300 -4.82 16.12 -0.52
C ILE A 300 -5.42 15.04 0.38
N HIS A 301 -6.63 14.58 0.05
CA HIS A 301 -7.29 13.59 0.89
C HIS A 301 -6.58 12.25 0.85
N ASN A 302 -6.03 11.88 -0.31
CA ASN A 302 -5.31 10.62 -0.43
C ASN A 302 -4.00 10.66 0.35
N MET A 303 -3.28 11.78 0.29
CA MET A 303 -2.03 11.87 1.05
C MET A 303 -2.28 12.06 2.54
N ASN A 304 -3.45 12.54 2.94
CA ASN A 304 -3.77 12.73 4.35
C ASN A 304 -4.54 11.56 4.94
N THR A 305 -5.03 10.63 4.12
CA THR A 305 -5.91 9.56 4.58
C THR A 305 -5.32 8.17 4.35
N ILE A 306 -4.77 7.91 3.17
CA ILE A 306 -4.22 6.58 2.89
C ILE A 306 -3.04 6.34 3.82
N HIS A 307 -3.14 5.27 4.61
CA HIS A 307 -2.09 4.87 5.54
C HIS A 307 -1.34 3.72 4.89
N SER A 308 -0.27 4.05 4.17
CA SER A 308 0.36 3.11 3.23
C SER A 308 1.65 2.50 3.77
N ARG A 309 2.55 3.30 4.32
CA ARG A 309 3.83 2.78 4.76
C ARG A 309 3.66 1.98 6.05
N GLY A 310 4.79 1.60 6.65
CA GLY A 310 4.75 0.80 7.86
C GLY A 310 4.67 1.64 9.13
N GLY A 311 4.01 1.07 10.13
CA GLY A 311 3.99 1.67 11.47
C GLY A 311 2.85 2.68 11.62
N ASN A 312 3.20 3.96 11.70
CA ASN A 312 2.18 5.01 11.67
C ASN A 312 1.44 4.99 10.34
N GLN A 313 2.11 4.52 9.28
CA GLN A 313 1.59 4.23 7.96
C GLN A 313 1.31 5.48 7.13
N VAL A 314 1.41 6.67 7.70
CA VAL A 314 1.15 7.89 6.94
C VAL A 314 2.41 8.25 6.17
N VAL A 315 2.28 8.43 4.86
CA VAL A 315 3.42 8.72 4.01
C VAL A 315 3.95 10.11 4.27
N PHE A 316 5.27 10.24 4.38
CA PHE A 316 5.93 11.54 4.47
C PHE A 316 5.92 12.17 3.09
N SER A 317 4.92 13.01 2.84
CA SER A 317 4.69 13.61 1.54
C SER A 317 4.91 15.11 1.58
N SER A 318 5.61 15.63 0.56
CA SER A 318 5.81 17.06 0.41
C SER A 318 5.66 17.43 -1.07
N ILE A 319 5.19 18.65 -1.32
CA ILE A 319 5.08 19.17 -2.68
C ILE A 319 5.58 20.60 -2.68
N ASN A 320 6.31 20.98 -3.73
CA ASN A 320 6.82 22.33 -3.89
C ASN A 320 6.22 22.97 -5.13
N TYR A 321 5.74 24.20 -4.99
CA TYR A 321 5.17 24.91 -6.12
C TYR A 321 5.28 26.41 -5.86
N GLY A 322 5.10 27.19 -6.93
CA GLY A 322 5.13 28.64 -6.82
C GLY A 322 5.77 29.34 -8.00
N THR A 323 6.61 28.63 -8.76
CA THR A 323 7.42 29.23 -9.80
C THR A 323 6.92 28.94 -11.20
N ASP A 324 5.70 28.43 -11.35
CA ASP A 324 5.13 28.16 -12.66
C ASP A 324 4.19 29.29 -13.03
N THR A 325 4.54 30.06 -14.06
CA THR A 325 3.78 31.24 -14.45
C THR A 325 2.74 30.96 -15.53
N SER A 326 2.69 29.74 -16.06
CA SER A 326 1.70 29.41 -17.08
C SER A 326 0.31 29.34 -16.46
N ALA A 327 -0.70 29.44 -17.32
CA ALA A 327 -2.08 29.42 -16.84
C ALA A 327 -2.43 28.09 -16.20
N GLU A 328 -1.89 26.98 -16.73
CA GLU A 328 -2.19 25.67 -16.17
C GLU A 328 -1.56 25.51 -14.78
N GLY A 329 -0.31 25.91 -14.63
CA GLY A 329 0.33 25.85 -13.32
C GLY A 329 -0.32 26.79 -12.34
N ARG A 330 -0.73 27.97 -12.80
CA ARG A 330 -1.45 28.89 -11.94
C ARG A 330 -2.78 28.29 -11.48
N CYS A 331 -3.48 27.61 -12.39
CA CYS A 331 -4.73 26.95 -12.01
C CYS A 331 -4.49 25.85 -10.99
N ILE A 332 -3.43 25.06 -11.19
CA ILE A 332 -3.11 24.00 -10.24
C ILE A 332 -2.82 24.58 -8.86
N MET A 333 -2.00 25.63 -8.81
CA MET A 333 -1.67 26.25 -7.54
C MET A 333 -2.90 26.87 -6.87
N ARG A 334 -3.73 27.56 -7.66
CA ARG A 334 -4.92 28.19 -7.11
C ARG A 334 -5.87 27.15 -6.54
N GLU A 335 -6.07 26.05 -7.25
CA GLU A 335 -7.00 25.04 -6.78
C GLU A 335 -6.44 24.27 -5.58
N ILE A 336 -5.14 24.01 -5.55
CA ILE A 336 -4.57 23.34 -4.38
C ILE A 336 -4.66 24.25 -3.16
N LEU A 337 -4.46 25.56 -3.36
CA LEU A 337 -4.58 26.50 -2.24
C LEU A 337 -6.02 26.60 -1.75
N GLN A 338 -6.98 26.64 -2.68
CA GLN A 338 -8.39 26.67 -2.27
C GLN A 338 -8.80 25.39 -1.55
N SER A 339 -8.34 24.24 -2.04
CA SER A 339 -8.64 22.98 -1.38
C SER A 339 -8.03 22.92 0.01
N THR A 340 -6.80 23.41 0.16
CA THR A 340 -6.19 23.50 1.48
C THR A 340 -6.99 24.44 2.38
N TYR A 341 -7.44 25.57 1.83
CA TYR A 341 -8.19 26.54 2.62
C TYR A 341 -9.52 25.94 3.10
N GLN A 342 -10.18 25.15 2.26
CA GLN A 342 -11.43 24.53 2.65
C GLN A 342 -11.26 23.34 3.59
N GLY A 343 -10.04 22.82 3.72
CA GLY A 343 -9.79 21.71 4.62
C GLY A 343 -10.16 20.37 4.01
N VAL A 344 -10.15 19.35 4.88
CA VAL A 344 -10.48 17.98 4.49
C VAL A 344 -11.67 17.51 5.32
N GLY A 345 -12.67 16.97 4.65
CA GLY A 345 -13.82 16.38 5.31
C GLY A 345 -14.87 17.37 5.75
N ASN A 346 -14.60 18.10 6.84
CA ASN A 346 -15.55 19.06 7.38
C ASN A 346 -14.81 20.29 7.88
N GLY A 347 -13.87 20.79 7.09
CA GLY A 347 -13.09 21.95 7.46
C GLY A 347 -11.88 21.67 8.32
N GLU A 348 -11.52 20.40 8.53
CA GLU A 348 -10.35 20.07 9.31
C GLU A 348 -9.07 20.35 8.52
N THR A 349 -8.07 20.87 9.21
CA THR A 349 -6.78 21.13 8.57
C THR A 349 -6.10 19.82 8.21
N ALA A 350 -5.46 19.81 7.03
CA ALA A 350 -4.75 18.63 6.55
C ALA A 350 -3.32 18.62 7.10
N ILE A 351 -2.89 17.45 7.55
CA ILE A 351 -1.54 17.30 8.07
C ILE A 351 -0.54 17.03 6.96
N PHE A 352 -0.92 16.24 5.97
CA PHE A 352 -0.10 15.92 4.82
C PHE A 352 -0.87 16.19 3.54
N PRO A 353 -0.18 16.53 2.45
CA PRO A 353 1.28 16.67 2.30
C PRO A 353 1.79 17.98 2.88
N ILE A 354 3.08 18.07 3.20
CA ILE A 354 3.67 19.33 3.61
C ILE A 354 3.83 20.19 2.37
N GLN A 355 3.05 21.26 2.30
CA GLN A 355 3.08 22.15 1.14
C GLN A 355 4.15 23.21 1.36
N ILE A 356 4.92 23.49 0.31
CA ILE A 356 6.01 24.45 0.35
C ILE A 356 5.84 25.40 -0.82
N TRP A 357 5.85 26.70 -0.52
CA TRP A 357 5.74 27.73 -1.55
C TRP A 357 7.13 28.21 -1.93
N LYS A 358 7.48 28.07 -3.21
CA LYS A 358 8.78 28.50 -3.69
C LYS A 358 8.76 30.01 -3.93
N LYS A 359 9.63 30.73 -3.22
CA LYS A 359 9.69 32.19 -3.27
C LYS A 359 10.83 32.59 -4.19
N LYS A 360 10.49 33.30 -5.28
CA LYS A 360 11.47 33.80 -6.23
C LYS A 360 11.16 35.26 -6.51
N ARG A 361 12.17 36.12 -6.36
CA ARG A 361 12.01 37.53 -6.73
C ARG A 361 12.01 37.65 -8.26
N GLY A 362 10.97 38.28 -8.79
CA GLY A 362 10.75 38.32 -10.22
C GLY A 362 9.75 37.31 -10.72
N VAL A 363 9.35 36.36 -9.89
CA VAL A 363 8.34 35.36 -10.25
C VAL A 363 7.08 35.53 -9.41
N ASN A 364 7.22 35.55 -8.08
CA ASN A 364 6.05 35.68 -7.21
C ASN A 364 6.22 36.59 -6.00
N TYR A 365 7.37 37.22 -5.79
CA TYR A 365 7.60 37.95 -4.55
C TYR A 365 7.16 39.41 -4.65
N LEU A 366 7.69 40.14 -5.63
CA LEU A 366 7.36 41.55 -5.77
C LEU A 366 5.92 41.71 -6.26
N PRO A 367 5.27 42.84 -5.93
CA PRO A 367 3.88 43.03 -6.39
C PRO A 367 3.72 43.08 -7.89
N GLU A 368 4.80 43.36 -8.64
CA GLU A 368 4.77 43.34 -10.09
C GLU A 368 4.91 41.93 -10.66
N ASP A 369 5.30 40.96 -9.84
CA ASP A 369 5.59 39.62 -10.31
C ASP A 369 4.32 38.92 -10.78
N ARG A 370 4.52 37.87 -11.60
CA ARG A 370 3.39 37.18 -12.22
C ARG A 370 2.54 36.46 -11.18
N ASN A 371 3.17 35.66 -10.32
CA ASN A 371 2.46 34.87 -9.33
C ASN A 371 2.39 35.54 -7.97
N TYR A 372 2.41 36.87 -7.94
CA TYR A 372 2.29 37.58 -6.66
C TYR A 372 0.91 37.34 -6.04
N ASP A 373 -0.15 37.44 -6.84
CA ASP A 373 -1.50 37.28 -6.30
C ASP A 373 -1.67 35.91 -5.65
N LEU A 374 -1.30 34.84 -6.35
CA LEU A 374 -1.32 33.52 -5.74
C LEU A 374 -0.50 33.49 -4.47
N TYR A 375 0.68 34.13 -4.49
CA TYR A 375 1.48 34.23 -3.27
C TYR A 375 0.67 34.85 -2.15
N LYS A 376 -0.02 35.97 -2.43
CA LYS A 376 -0.90 36.55 -1.43
C LYS A 376 -1.93 35.54 -0.97
N LEU A 377 -2.55 34.83 -1.91
CA LEU A 377 -3.50 33.78 -1.55
C LEU A 377 -2.83 32.75 -0.65
N ALA A 378 -1.61 32.35 -1.00
CA ALA A 378 -0.88 31.40 -0.16
C ALA A 378 -0.79 31.92 1.27
N CYS A 379 -0.43 33.20 1.41
CA CYS A 379 -0.35 33.78 2.75
C CYS A 379 -1.67 33.64 3.48
N LYS A 380 -2.78 33.92 2.81
CA LYS A 380 -4.08 33.78 3.44
C LYS A 380 -4.29 32.37 3.94
N VAL A 381 -3.91 31.37 3.14
CA VAL A 381 -4.04 29.99 3.58
C VAL A 381 -3.16 29.75 4.80
N THR A 382 -1.93 30.27 4.78
CA THR A 382 -1.04 30.10 5.92
C THR A 382 -1.60 30.80 7.15
N ALA A 383 -2.46 31.80 6.94
CA ALA A 383 -3.09 32.45 8.09
C ALA A 383 -4.06 31.54 8.81
N ARG A 384 -4.63 30.55 8.11
CA ARG A 384 -5.63 29.67 8.69
C ARG A 384 -5.14 28.23 8.80
N ARG A 385 -4.69 27.65 7.70
CA ARG A 385 -4.27 26.26 7.68
C ARG A 385 -2.78 26.07 7.92
N PHE A 386 -2.02 27.16 8.06
CA PHE A 386 -0.59 27.14 8.38
C PHE A 386 0.22 26.36 7.35
N PHE A 387 -0.29 26.27 6.13
CA PHE A 387 0.40 25.77 4.96
C PHE A 387 0.09 26.70 3.79
N PRO A 388 0.99 26.81 2.82
CA PRO A 388 2.28 26.13 2.66
C PRO A 388 3.42 26.77 3.45
N ASN A 389 4.54 26.05 3.57
CA ASN A 389 5.78 26.66 4.03
C ASN A 389 6.40 27.46 2.88
N PHE A 390 7.53 28.08 3.14
CA PHE A 390 8.15 28.97 2.16
C PHE A 390 9.60 28.60 1.94
N LEU A 391 9.98 28.45 0.68
CA LEU A 391 11.35 28.10 0.28
C LEU A 391 11.91 29.28 -0.51
N ASN A 392 12.84 30.01 0.10
CA ASN A 392 13.43 31.20 -0.51
C ASN A 392 14.50 30.75 -1.51
N LEU A 393 14.15 30.82 -2.80
CA LEU A 393 15.12 30.47 -3.84
C LEU A 393 16.13 31.58 -4.07
N ASP A 394 15.94 32.74 -3.46
CA ASP A 394 16.84 33.88 -3.61
C ASP A 394 18.03 33.83 -2.65
N ALA A 395 18.08 32.83 -1.77
CA ALA A 395 19.22 32.68 -0.88
C ALA A 395 20.47 32.42 -1.69
N THR A 396 21.61 32.93 -1.20
CA THR A 396 22.86 32.83 -1.95
C THR A 396 23.24 31.39 -2.23
N PHE A 397 22.99 30.49 -1.27
CA PHE A 397 23.33 29.09 -1.46
C PHE A 397 22.32 28.33 -2.32
N ASN A 398 21.13 28.88 -2.51
CA ASN A 398 20.11 28.22 -3.33
C ASN A 398 20.09 28.69 -4.77
N GLN A 399 20.98 29.59 -5.15
CA GLN A 399 21.01 30.09 -6.52
C GLN A 399 21.75 29.13 -7.44
N ASN A 400 21.23 28.98 -8.66
CA ASN A 400 21.83 28.14 -9.68
C ASN A 400 22.03 28.96 -10.93
N GLU A 401 23.23 28.88 -11.51
CA GLU A 401 23.56 29.69 -12.67
C GLU A 401 22.84 29.25 -13.94
N LYS A 402 22.20 28.08 -13.93
CA LYS A 402 21.53 27.55 -15.11
C LYS A 402 20.02 27.64 -15.01
N TRP A 403 19.51 28.65 -14.31
CA TRP A 403 18.07 28.91 -14.21
C TRP A 403 17.72 30.01 -15.20
N ARG A 404 16.99 29.65 -16.24
CA ARG A 404 16.53 30.60 -17.26
C ARG A 404 15.02 30.71 -17.18
N ALA A 405 14.52 31.94 -17.09
CA ALA A 405 13.09 32.17 -16.87
C ALA A 405 12.24 31.71 -18.04
N ASP A 406 12.82 31.49 -19.21
CA ASP A 406 12.07 31.09 -20.40
C ASP A 406 12.03 29.58 -20.59
N ASP A 407 13.06 28.87 -20.14
CA ASP A 407 13.18 27.43 -20.36
C ASP A 407 12.03 26.68 -19.70
N PRO A 408 11.35 25.79 -20.44
CA PRO A 408 10.27 25.00 -19.81
C PRO A 408 10.77 24.12 -18.69
N GLU A 409 12.06 23.75 -18.73
CA GLU A 409 12.71 22.96 -17.69
C GLU A 409 13.51 23.84 -16.76
N ARG A 410 13.01 25.05 -16.44
CA ARG A 410 13.69 25.90 -15.48
C ARG A 410 13.60 25.33 -14.07
N TYR A 411 12.70 24.39 -13.82
CA TYR A 411 12.78 23.58 -12.61
C TYR A 411 13.96 22.63 -12.78
N LYS A 412 14.23 21.80 -11.78
CA LYS A 412 15.35 20.86 -11.80
C LYS A 412 16.68 21.61 -11.78
N TRP A 413 16.62 22.94 -11.86
CA TRP A 413 17.75 23.81 -11.58
C TRP A 413 17.40 24.75 -10.44
N GLU A 414 16.36 24.43 -9.68
CA GLU A 414 15.95 25.20 -8.53
C GLU A 414 15.81 24.28 -7.34
N ILE A 415 15.96 24.85 -6.15
CA ILE A 415 16.02 24.06 -4.93
C ILE A 415 14.62 23.57 -4.57
N ALA A 416 14.54 22.30 -4.18
CA ALA A 416 13.31 21.70 -3.68
C ALA A 416 13.60 21.10 -2.31
N THR A 417 12.66 21.27 -1.39
CA THR A 417 12.84 20.84 0.00
C THR A 417 11.69 19.92 0.41
N MET A 418 11.98 19.07 1.39
CA MET A 418 11.01 18.17 1.99
C MET A 418 10.54 18.71 3.33
N GLY A 419 9.46 18.10 3.84
CA GLY A 419 9.00 18.42 5.17
C GLY A 419 9.96 18.02 6.26
N CYS A 420 10.79 17.01 6.01
CA CYS A 420 11.85 16.61 6.92
C CYS A 420 13.08 17.50 6.82
N ARG A 421 12.98 18.62 6.10
CA ARG A 421 14.03 19.62 5.99
C ARG A 421 15.29 19.11 5.32
N THR A 422 15.20 18.05 4.54
CA THR A 422 16.38 17.53 3.83
C THR A 422 16.61 18.35 2.57
N ARG A 423 17.82 18.88 2.45
CA ARG A 423 18.21 19.71 1.30
C ARG A 423 19.32 19.01 0.54
N VAL A 424 19.07 18.69 -0.72
CA VAL A 424 20.03 18.04 -1.59
C VAL A 424 20.10 18.87 -2.86
N PHE A 425 21.07 19.78 -2.92
CA PHE A 425 21.18 20.70 -4.05
C PHE A 425 22.51 20.58 -4.78
N GLU A 426 23.62 20.59 -4.06
CA GLU A 426 24.94 20.60 -4.67
C GLU A 426 25.54 19.19 -4.70
N ASP A 427 26.22 18.89 -5.81
CA ASP A 427 26.88 17.60 -6.01
C ASP A 427 28.30 17.86 -6.48
N ARG A 428 29.26 17.14 -5.89
CA ARG A 428 30.67 17.37 -6.18
C ARG A 428 31.14 16.64 -7.42
N TRP A 429 30.35 15.72 -7.97
CA TRP A 429 30.72 15.02 -9.19
C TRP A 429 29.51 14.89 -10.10
N GLY A 430 28.73 15.95 -10.21
CA GLY A 430 27.55 15.95 -11.06
C GLY A 430 26.94 17.32 -11.25
N GLU A 431 25.62 17.37 -11.36
CA GLU A 431 24.89 18.61 -11.57
C GLU A 431 24.30 19.12 -10.27
N LYS A 432 24.20 20.44 -10.16
CA LYS A 432 23.63 21.08 -8.97
C LYS A 432 22.11 21.07 -9.12
N THR A 433 21.50 19.95 -8.71
CA THR A 433 20.08 19.76 -8.88
C THR A 433 19.53 18.97 -7.69
N SER A 434 18.21 19.09 -7.51
CA SER A 434 17.53 18.40 -6.43
C SER A 434 16.63 17.27 -6.91
N ILE A 435 16.32 17.21 -8.20
CA ILE A 435 15.42 16.19 -8.71
C ILE A 435 16.17 14.87 -8.83
N ALA A 436 15.47 13.77 -8.52
CA ALA A 436 15.96 12.40 -8.70
C ALA A 436 17.10 12.08 -7.74
N ARG A 437 17.51 13.05 -6.93
CA ARG A 437 18.53 12.83 -5.92
C ARG A 437 17.87 12.87 -4.54
N GLY A 438 18.66 12.55 -3.52
CA GLY A 438 18.15 12.53 -2.16
C GLY A 438 19.25 12.23 -1.19
N ASN A 439 18.85 11.89 0.03
CA ASN A 439 19.78 11.56 1.10
C ASN A 439 19.94 10.04 1.18
N LEU A 440 21.19 9.58 1.23
CA LEU A 440 21.43 8.15 1.43
C LEU A 440 21.16 7.75 2.87
N SER A 441 21.73 8.49 3.82
CA SER A 441 21.54 8.29 5.24
C SER A 441 22.15 9.47 5.98
N PHE A 442 21.62 9.76 7.16
CA PHE A 442 22.16 10.83 7.98
C PHE A 442 22.16 10.41 9.44
N SER A 443 23.17 10.87 10.18
CA SER A 443 23.29 10.60 11.61
C SER A 443 23.58 11.88 12.35
N THR A 444 22.99 12.02 13.53
CA THR A 444 23.08 13.24 14.33
C THR A 444 24.17 13.10 15.38
N ILE A 445 24.87 14.21 15.64
CA ILE A 445 25.97 14.27 16.58
C ILE A 445 25.53 15.03 17.82
N ASN A 446 25.77 14.45 18.99
CA ASN A 446 25.41 15.08 20.26
C ASN A 446 26.59 15.96 20.69
N ILE A 447 26.48 17.26 20.42
CA ILE A 447 27.53 18.19 20.81
C ILE A 447 27.34 18.69 22.24
N VAL A 448 26.11 18.63 22.76
CA VAL A 448 25.88 19.01 24.15
C VAL A 448 26.62 18.06 25.09
N LYS A 449 26.69 16.78 24.72
CA LYS A 449 27.45 15.82 25.52
C LYS A 449 28.93 16.20 25.59
N LEU A 450 29.51 16.56 24.43
CA LEU A 450 30.91 16.97 24.41
C LEU A 450 31.13 18.23 25.22
N ALA A 451 30.20 19.18 25.13
CA ALA A 451 30.33 20.41 25.90
C ALA A 451 30.23 20.14 27.40
N ILE A 452 29.34 19.23 27.80
CA ILE A 452 29.24 18.86 29.22
C ILE A 452 30.53 18.19 29.68
N GLU A 453 31.11 17.35 28.82
CA GLU A 453 32.38 16.71 29.18
C GLU A 453 33.49 17.73 29.35
N CYS A 454 33.55 18.74 28.48
CA CYS A 454 34.59 19.76 28.57
C CYS A 454 34.26 20.85 29.58
N MET A 455 33.07 20.81 30.19
CA MET A 455 32.69 21.82 31.17
C MET A 455 33.63 21.88 32.38
N GLY A 456 34.39 20.81 32.64
CA GLY A 456 35.26 20.81 33.81
C GLY A 456 36.49 21.67 33.71
N ILE A 457 36.81 22.18 32.52
CA ILE A 457 37.98 23.02 32.34
C ILE A 457 37.63 24.45 32.73
N GLU A 458 38.41 25.03 33.64
CA GLU A 458 38.14 26.39 34.10
C GLU A 458 38.53 27.45 33.08
N ASN A 459 39.62 27.23 32.35
CA ASN A 459 40.06 28.20 31.35
C ASN A 459 39.24 28.05 30.08
N GLU A 460 38.71 29.17 29.58
CA GLU A 460 37.83 29.12 28.43
C GLU A 460 38.56 28.65 27.18
N LYS A 461 39.80 29.11 26.98
CA LYS A 461 40.54 28.74 25.77
C LYS A 461 40.82 27.23 25.74
N GLN A 462 41.30 26.68 26.86
CA GLN A 462 41.58 25.25 26.92
C GLN A 462 40.30 24.44 26.83
N ARG A 463 39.20 24.93 27.43
CA ARG A 463 37.93 24.24 27.32
C ARG A 463 37.44 24.20 25.88
N ILE A 464 37.58 25.31 25.15
CA ILE A 464 37.19 25.35 23.75
C ILE A 464 38.07 24.42 22.93
N ASP A 465 39.37 24.39 23.21
CA ASP A 465 40.26 23.49 22.49
C ASP A 465 39.90 22.04 22.73
N MET A 466 39.57 21.69 23.98
CA MET A 466 39.15 20.33 24.29
C MET A 466 37.86 19.96 23.59
N PHE A 467 36.90 20.90 23.57
CA PHE A 467 35.64 20.65 22.86
C PHE A 467 35.89 20.43 21.38
N PHE A 468 36.79 21.21 20.79
CA PHE A 468 37.06 21.07 19.36
C PHE A 468 37.78 19.76 19.07
N ALA A 469 38.67 19.31 19.95
CA ALA A 469 39.30 18.01 19.75
C ALA A 469 38.27 16.88 19.84
N LYS A 470 37.37 16.96 20.83
CA LYS A 470 36.30 15.95 20.94
C LYS A 470 35.43 15.96 19.70
N LEU A 471 35.08 17.16 19.21
CA LEU A 471 34.26 17.27 18.02
C LEU A 471 34.98 16.71 16.80
N ASP A 472 36.29 16.92 16.72
CA ASP A 472 37.07 16.35 15.62
C ASP A 472 37.00 14.84 15.64
N ASN A 473 37.20 14.24 16.81
CA ASN A 473 37.16 12.78 16.91
C ASN A 473 35.77 12.24 16.55
N ILE A 474 34.72 12.89 17.06
CA ILE A 474 33.37 12.41 16.80
C ILE A 474 33.00 12.60 15.33
N LEU A 475 33.45 13.69 14.71
CA LEU A 475 33.23 13.90 13.28
C LEU A 475 33.91 12.82 12.46
N ASP A 476 35.14 12.45 12.81
CA ASP A 476 35.83 11.37 12.11
C ASP A 476 35.06 10.06 12.26
N ILE A 477 34.59 9.77 13.48
CA ILE A 477 33.84 8.54 13.71
C ILE A 477 32.56 8.53 12.87
N THR A 478 31.85 9.65 12.84
CA THR A 478 30.60 9.73 12.10
C THR A 478 30.84 9.58 10.60
N ALA A 479 31.91 10.20 10.09
CA ALA A 479 32.24 10.06 8.68
C ALA A 479 32.54 8.61 8.33
N LYS A 480 33.30 7.93 9.19
CA LYS A 480 33.60 6.52 8.93
C LYS A 480 32.33 5.67 8.99
N GLN A 481 31.43 5.98 9.92
CA GLN A 481 30.17 5.24 10.01
C GLN A 481 29.33 5.42 8.75
N LEU A 482 29.21 6.67 8.28
CA LEU A 482 28.45 6.93 7.07
C LEU A 482 29.10 6.24 5.86
N ASP A 483 30.43 6.24 5.80
CA ASP A 483 31.12 5.55 4.72
C ASP A 483 30.85 4.05 4.75
N GLU A 484 30.88 3.45 5.95
CA GLU A 484 30.62 2.02 6.05
C GLU A 484 29.19 1.68 5.66
N ARG A 485 28.23 2.52 6.08
CA ARG A 485 26.85 2.30 5.66
C ARG A 485 26.71 2.48 4.15
N PHE A 486 27.46 3.41 3.56
CA PHE A 486 27.48 3.56 2.11
C PHE A 486 27.99 2.30 1.43
N GLN A 487 29.08 1.74 1.95
CA GLN A 487 29.64 0.51 1.37
C GLN A 487 28.67 -0.65 1.51
N PHE A 488 27.90 -0.68 2.60
CA PHE A 488 26.89 -1.71 2.75
C PHE A 488 25.74 -1.51 1.77
N GLN A 489 25.31 -0.26 1.56
CA GLN A 489 24.18 0.01 0.69
C GLN A 489 24.52 -0.17 -0.78
N LYS A 490 25.77 0.10 -1.17
CA LYS A 490 26.11 0.09 -2.59
C LYS A 490 26.08 -1.29 -3.21
N THR A 491 26.11 -2.36 -2.41
CA THR A 491 26.06 -3.71 -2.95
C THR A 491 24.64 -4.17 -3.25
N ALA A 492 23.63 -3.39 -2.88
CA ALA A 492 22.25 -3.74 -3.18
C ALA A 492 22.01 -3.72 -4.68
N MET A 493 21.17 -4.63 -5.14
CA MET A 493 20.82 -4.72 -6.55
C MET A 493 19.61 -3.84 -6.86
N ALA A 494 19.45 -3.52 -8.14
CA ALA A 494 18.34 -2.66 -8.56
C ALA A 494 17.00 -3.36 -8.38
N LYS A 495 16.99 -4.69 -8.32
CA LYS A 495 15.75 -5.42 -8.12
C LYS A 495 15.13 -5.18 -6.75
N GLN A 496 15.92 -4.68 -5.79
CA GLN A 496 15.42 -4.44 -4.45
C GLN A 496 14.63 -3.15 -4.33
N PHE A 497 14.75 -2.25 -5.31
CA PHE A 497 13.98 -1.01 -5.35
C PHE A 497 13.29 -0.94 -6.71
N PRO A 498 12.12 -1.56 -6.85
CA PRO A 498 11.49 -1.66 -8.18
C PRO A 498 11.18 -0.32 -8.82
N LEU A 499 10.80 0.68 -8.03
CA LEU A 499 10.45 1.99 -8.58
C LEU A 499 11.55 3.03 -8.44
N LEU A 500 12.27 3.04 -7.31
CA LEU A 500 13.32 4.03 -7.10
C LEU A 500 14.46 3.84 -8.09
N MET A 501 14.90 2.60 -8.28
CA MET A 501 16.05 2.30 -9.12
C MET A 501 15.64 1.89 -10.53
N LYS A 502 14.46 2.33 -10.97
CA LYS A 502 14.04 2.14 -12.35
C LYS A 502 13.54 3.39 -13.02
N TYR A 503 12.97 4.35 -12.28
CA TYR A 503 12.44 5.57 -12.87
C TYR A 503 12.85 6.80 -12.10
N LEU A 504 13.19 6.64 -10.81
CA LEU A 504 13.24 7.77 -9.89
C LEU A 504 14.64 8.25 -9.56
N TRP A 505 15.63 7.37 -9.48
CA TRP A 505 16.97 7.80 -9.14
C TRP A 505 17.70 8.32 -10.38
N VAL A 506 18.83 8.98 -10.15
CA VAL A 506 19.61 9.61 -11.22
C VAL A 506 20.47 8.51 -11.85
N GLY A 507 20.16 8.17 -13.09
CA GLY A 507 20.92 7.18 -13.83
C GLY A 507 20.47 5.76 -13.63
N ALA A 508 19.36 5.54 -12.93
CA ALA A 508 18.88 4.20 -12.60
C ALA A 508 18.21 3.51 -13.78
N GLU A 509 17.98 4.21 -14.90
CA GLU A 509 17.40 3.55 -16.06
C GLU A 509 18.39 2.66 -16.79
N ASN A 510 19.68 2.73 -16.43
CA ASN A 510 20.73 1.93 -17.04
C ASN A 510 21.18 0.82 -16.11
N LEU A 511 20.27 0.26 -15.32
CA LEU A 511 20.61 -0.72 -14.31
C LEU A 511 19.87 -2.02 -14.58
N LYS A 512 20.62 -3.10 -14.74
CA LYS A 512 20.02 -4.43 -14.79
C LYS A 512 19.48 -4.77 -13.41
N PRO A 513 18.40 -5.54 -13.32
CA PRO A 513 17.84 -5.87 -11.99
C PRO A 513 18.85 -6.59 -11.11
N GLU A 514 19.72 -7.39 -11.70
CA GLU A 514 20.72 -8.17 -10.97
C GLU A 514 22.10 -7.54 -10.99
N GLU A 515 22.19 -6.21 -10.97
CA GLU A 515 23.46 -5.52 -10.86
C GLU A 515 23.41 -4.52 -9.72
N THR A 516 24.59 -4.18 -9.20
CA THR A 516 24.69 -3.34 -8.02
C THR A 516 24.37 -1.88 -8.35
N ILE A 517 23.97 -1.13 -7.32
CA ILE A 517 23.58 0.27 -7.49
C ILE A 517 24.78 1.18 -7.26
N GLU A 518 25.97 0.59 -7.16
CA GLU A 518 27.16 1.37 -6.85
C GLU A 518 27.45 2.40 -7.93
N SER A 519 27.02 2.14 -9.16
CA SER A 519 27.24 3.08 -10.25
C SER A 519 26.38 4.33 -10.12
N VAL A 520 25.32 4.31 -9.31
CA VAL A 520 24.44 5.46 -9.17
C VAL A 520 24.28 5.93 -7.74
N ILE A 521 24.66 5.14 -6.73
CA ILE A 521 24.46 5.56 -5.35
C ILE A 521 25.35 6.73 -4.97
N ASN A 522 26.45 6.95 -5.68
CA ASN A 522 27.33 8.06 -5.35
C ASN A 522 26.80 9.36 -5.94
N HIS A 523 25.52 9.62 -5.70
CA HIS A 523 24.90 10.90 -6.01
C HIS A 523 24.06 11.43 -4.86
N GLY A 524 23.80 10.62 -3.84
CA GLY A 524 23.09 11.06 -2.67
C GLY A 524 23.99 11.81 -1.70
N THR A 525 23.39 12.27 -0.63
CA THR A 525 24.07 13.10 0.36
C THR A 525 24.17 12.34 1.69
N LEU A 526 25.36 12.39 2.27
CA LEU A 526 25.59 11.85 3.61
C LEU A 526 25.47 12.99 4.61
N GLY A 527 24.51 12.87 5.53
CA GLY A 527 24.18 13.94 6.43
C GLY A 527 24.80 13.78 7.80
N ILE A 528 25.53 14.79 8.22
CA ILE A 528 26.06 14.88 9.58
C ILE A 528 25.20 15.91 10.30
N GLY A 529 24.29 15.44 11.14
CA GLY A 529 23.37 16.33 11.80
C GLY A 529 23.83 16.75 13.17
N PHE A 530 23.20 17.80 13.69
CA PHE A 530 23.50 18.26 15.03
C PHE A 530 22.23 18.75 15.72
N ILE A 531 22.30 18.88 17.04
CA ILE A 531 21.15 19.27 17.85
C ILE A 531 21.65 19.98 19.10
N GLY A 532 20.86 20.93 19.58
CA GLY A 532 21.12 21.59 20.84
C GLY A 532 22.33 22.50 20.91
N LEU A 533 22.56 23.30 19.86
CA LEU A 533 23.63 24.29 19.92
C LEU A 533 23.37 25.31 21.03
N ALA A 534 22.13 25.79 21.13
CA ALA A 534 21.77 26.67 22.23
C ALA A 534 21.99 25.97 23.55
N GLU A 535 21.60 24.70 23.65
CA GLU A 535 21.90 23.92 24.85
C GLU A 535 23.39 23.61 24.96
N CYS A 536 24.09 23.52 23.83
CA CYS A 536 25.53 23.34 23.87
C CYS A 536 26.25 24.56 24.44
N LEU A 537 25.58 25.72 24.48
CA LEU A 537 26.20 26.94 24.96
C LEU A 537 25.58 27.54 26.21
N VAL A 538 24.39 27.08 26.64
CA VAL A 538 23.63 27.78 27.68
C VAL A 538 24.44 27.93 28.96
N ALA A 539 25.10 26.87 29.38
CA ALA A 539 25.89 26.91 30.61
C ALA A 539 27.26 26.28 30.49
N LEU A 540 27.54 25.53 29.43
CA LEU A 540 28.84 24.87 29.32
C LEU A 540 29.95 25.88 29.05
N ILE A 541 29.72 26.79 28.11
CA ILE A 541 30.76 27.74 27.70
C ILE A 541 30.26 29.16 27.80
N GLY A 542 29.36 29.43 28.74
CA GLY A 542 28.86 30.78 28.93
C GLY A 542 27.35 30.90 28.87
N LYS A 543 26.85 31.56 27.83
CA LYS A 543 25.42 31.77 27.59
C LYS A 543 25.07 31.23 26.20
N HIS A 544 23.79 31.31 25.84
CA HIS A 544 23.36 30.82 24.54
C HIS A 544 23.29 31.95 23.52
N HIS A 545 23.33 31.56 22.25
CA HIS A 545 23.50 32.52 21.16
C HIS A 545 22.32 33.48 21.03
N GLY A 546 21.16 33.14 21.60
CA GLY A 546 20.04 34.06 21.54
C GLY A 546 20.27 35.33 22.35
N GLU A 547 20.94 35.21 23.48
CA GLU A 547 21.07 36.32 24.43
C GLU A 547 22.44 36.96 24.44
N SER A 548 23.45 36.36 23.81
CA SER A 548 24.80 36.88 23.86
C SER A 548 25.42 36.87 22.46
N GLU A 549 26.25 37.87 22.20
CA GLU A 549 26.98 37.93 20.94
C GLU A 549 28.19 37.01 20.91
N LYS A 550 28.86 36.87 22.06
CA LYS A 550 29.98 35.93 22.16
C LYS A 550 29.51 34.51 21.89
N ALA A 551 28.34 34.15 22.43
CA ALA A 551 27.78 32.83 22.16
C ALA A 551 27.42 32.66 20.70
N GLN A 552 26.92 33.72 20.06
CA GLN A 552 26.64 33.65 18.63
C GLN A 552 27.91 33.39 17.83
N GLU A 553 29.00 34.10 18.17
CA GLU A 553 30.27 33.87 17.50
C GLU A 553 30.77 32.45 17.73
N LEU A 554 30.64 31.95 18.95
CA LEU A 554 31.09 30.59 19.24
C LEU A 554 30.29 29.57 18.46
N GLY A 555 28.97 29.74 18.38
CA GLY A 555 28.15 28.81 17.62
C GLY A 555 28.46 28.84 16.14
N LEU A 556 28.67 30.03 15.59
CA LEU A 556 29.08 30.13 14.20
C LEU A 556 30.41 29.44 13.96
N LYS A 557 31.36 29.59 14.90
CA LYS A 557 32.64 28.91 14.78
C LYS A 557 32.47 27.40 14.79
N ILE A 558 31.62 26.89 15.68
CA ILE A 558 31.41 25.44 15.77
C ILE A 558 30.82 24.90 14.48
N ILE A 559 29.78 25.57 13.96
CA ILE A 559 29.14 25.07 12.75
C ILE A 559 30.07 25.22 11.54
N THR A 560 30.88 26.28 11.49
CA THR A 560 31.84 26.42 10.40
C THR A 560 32.89 25.33 10.46
N TYR A 561 33.35 24.97 11.67
CA TYR A 561 34.27 23.85 11.80
C TYR A 561 33.64 22.56 11.30
N MET A 562 32.38 22.34 11.65
CA MET A 562 31.67 21.15 11.16
C MET A 562 31.61 21.14 9.64
N ARG A 563 31.30 22.28 9.03
CA ARG A 563 31.19 22.35 7.57
C ARG A 563 32.54 22.10 6.90
N ASP A 564 33.61 22.69 7.44
CA ASP A 564 34.93 22.46 6.88
C ASP A 564 35.34 21.01 6.99
N ARG A 565 35.06 20.38 8.13
CA ARG A 565 35.37 18.96 8.27
C ARG A 565 34.51 18.11 7.34
N ALA A 566 33.27 18.55 7.08
CA ALA A 566 32.44 17.85 6.11
C ALA A 566 33.03 17.91 4.71
N ASN A 567 33.57 19.08 4.34
CA ASN A 567 34.23 19.19 3.04
C ASN A 567 35.46 18.28 2.98
N GLU A 568 36.24 18.24 4.07
CA GLU A 568 37.40 17.34 4.10
C GLU A 568 36.97 15.89 3.99
N PHE A 569 35.88 15.51 4.67
CA PHE A 569 35.37 14.15 4.57
C PHE A 569 34.89 13.84 3.15
N SER A 570 34.26 14.82 2.50
CA SER A 570 33.82 14.61 1.12
C SER A 570 35.02 14.38 0.20
N GLU A 571 36.10 15.11 0.40
CA GLU A 571 37.30 14.87 -0.39
C GLU A 571 37.92 13.51 -0.06
N GLN A 572 37.95 13.14 1.22
CA GLN A 572 38.66 11.94 1.64
C GLN A 572 37.93 10.67 1.21
N TYR A 573 36.62 10.62 1.46
CA TYR A 573 35.82 9.43 1.21
C TYR A 573 35.12 9.43 -0.14
N HIS A 574 35.26 10.51 -0.92
CA HIS A 574 34.64 10.62 -2.25
C HIS A 574 33.13 10.49 -2.16
N HIS A 575 32.52 11.32 -1.30
CA HIS A 575 31.08 11.30 -1.09
C HIS A 575 30.58 12.74 -0.97
N ASN A 576 29.29 12.89 -0.70
CA ASN A 576 28.64 14.18 -0.51
C ASN A 576 28.24 14.30 0.96
N TYR A 577 29.08 14.96 1.76
CA TYR A 577 28.81 15.20 3.16
C TYR A 577 28.25 16.60 3.37
N SER A 578 27.18 16.70 4.15
CA SER A 578 26.54 17.97 4.40
C SER A 578 26.07 18.04 5.85
N ILE A 579 26.19 19.23 6.45
CA ILE A 579 25.75 19.45 7.82
C ILE A 579 24.24 19.63 7.84
N LEU A 580 23.60 19.05 8.85
CA LEU A 580 22.14 18.98 8.90
C LEU A 580 21.63 19.56 10.22
N ALA A 581 20.64 20.44 10.11
CA ALA A 581 19.83 20.87 11.24
C ALA A 581 18.69 19.87 11.38
N THR A 582 18.94 18.83 12.15
CA THR A 582 18.05 17.69 12.19
C THR A 582 16.69 18.08 12.77
N PRO A 583 15.59 17.66 12.15
CA PRO A 583 14.27 17.93 12.72
C PRO A 583 14.09 17.24 14.07
N ALA A 584 13.26 17.85 14.91
CA ALA A 584 13.14 17.41 16.29
C ALA A 584 12.48 16.03 16.40
N GLU A 585 11.61 15.70 15.44
CA GLU A 585 10.84 14.46 15.51
C GLU A 585 11.76 13.24 15.56
N GLY A 586 11.54 12.41 16.58
CA GLY A 586 12.29 11.18 16.75
C GLY A 586 13.59 11.33 17.53
N LEU A 587 13.99 12.54 17.89
CA LEU A 587 15.24 12.74 18.62
C LEU A 587 15.13 13.81 19.70
N SER A 588 13.93 14.28 20.03
CA SER A 588 13.81 15.41 20.95
C SER A 588 14.35 15.07 22.34
N GLY A 589 14.04 13.88 22.84
CA GLY A 589 14.40 13.54 24.21
C GLY A 589 15.35 12.39 24.37
N LYS A 590 15.77 11.76 23.27
CA LYS A 590 16.65 10.60 23.36
C LYS A 590 18.00 10.98 23.95
N PHE A 591 18.57 12.10 23.51
CA PHE A 591 19.86 12.53 24.04
C PHE A 591 19.72 13.09 25.45
N THR A 592 18.67 13.88 25.70
CA THR A 592 18.55 14.60 26.95
C THR A 592 18.36 13.66 28.13
N LYS A 593 17.62 12.58 27.95
CA LYS A 593 17.41 11.64 29.05
C LYS A 593 18.72 11.02 29.51
N LYS A 594 19.52 10.52 28.56
CA LYS A 594 20.79 9.92 28.92
C LYS A 594 21.76 10.95 29.48
N ASP A 595 21.77 12.17 28.93
CA ASP A 595 22.65 13.21 29.47
C ASP A 595 22.26 13.58 30.89
N ARG A 596 20.97 13.65 31.18
CA ARG A 596 20.51 13.95 32.52
C ARG A 596 20.82 12.81 33.48
N LYS A 597 20.71 11.56 33.01
CA LYS A 597 21.07 10.43 33.85
C LYS A 597 22.55 10.45 34.19
N GLN A 598 23.40 10.75 33.21
CA GLN A 598 24.84 10.71 33.46
C GLN A 598 25.31 11.90 34.29
N PHE A 599 24.82 13.10 33.98
CA PHE A 599 25.37 14.32 34.56
C PHE A 599 24.43 15.03 35.51
N GLY A 600 23.27 14.45 35.81
CA GLY A 600 22.37 15.16 36.70
C GLY A 600 21.67 16.31 35.99
N VAL A 601 21.15 17.23 36.80
CA VAL A 601 20.39 18.37 36.31
C VAL A 601 21.34 19.57 36.30
N ILE A 602 22.00 19.77 35.17
CA ILE A 602 22.86 20.93 34.99
C ILE A 602 21.98 22.14 34.75
N PRO A 603 22.12 23.22 35.53
CA PRO A 603 21.24 24.38 35.34
C PRO A 603 21.41 24.98 33.96
N GLY A 604 20.33 24.95 33.18
CA GLY A 604 20.31 25.48 31.84
C GLY A 604 20.53 24.46 30.75
N VAL A 605 21.29 23.39 31.02
CA VAL A 605 21.62 22.42 29.99
C VAL A 605 20.67 21.22 30.06
N THR A 606 20.79 20.45 31.14
CA THR A 606 19.94 19.28 31.33
C THR A 606 18.80 19.58 32.30
N ASP A 607 17.92 20.52 31.96
CA ASP A 607 16.84 20.88 32.86
C ASP A 607 15.53 21.18 32.13
N ARG A 608 15.43 20.88 30.83
CA ARG A 608 14.26 21.23 30.05
C ARG A 608 13.49 20.02 29.54
N ASP A 609 14.01 18.80 29.71
CA ASP A 609 13.44 17.55 29.22
C ASP A 609 13.45 17.45 27.70
N TYR A 610 14.07 18.40 27.01
CA TYR A 610 14.27 18.35 25.57
C TYR A 610 15.37 19.32 25.16
N TYR A 611 16.24 18.89 24.25
CA TYR A 611 17.26 19.79 23.73
C TYR A 611 16.66 20.75 22.72
N THR A 612 17.11 21.99 22.76
CA THR A 612 16.67 22.98 21.78
C THR A 612 17.06 22.53 20.38
N ASN A 613 16.18 22.79 19.41
CA ASN A 613 16.46 22.40 18.05
C ASN A 613 17.72 23.10 17.55
N SER A 614 18.35 22.47 16.56
CA SER A 614 19.67 22.89 16.09
C SER A 614 19.71 24.35 15.67
N ASN A 615 20.71 25.07 16.18
CA ASN A 615 20.98 26.47 15.84
C ASN A 615 19.71 27.33 15.89
N HIS A 616 18.77 26.97 16.74
CA HIS A 616 17.54 27.72 16.92
C HIS A 616 17.54 28.41 18.27
N VAL A 617 16.96 29.61 18.31
CA VAL A 617 16.76 30.28 19.60
C VAL A 617 15.82 29.44 20.44
N PRO A 618 16.13 29.18 21.72
CA PRO A 618 15.24 28.36 22.54
C PRO A 618 13.85 28.96 22.66
N VAL A 619 12.85 28.09 22.72
CA VAL A 619 11.46 28.53 22.77
C VAL A 619 11.18 29.29 24.06
N TYR A 620 11.81 28.87 25.16
CA TYR A 620 11.60 29.54 26.44
C TYR A 620 12.24 30.92 26.49
N TYR A 621 13.06 31.28 25.50
CA TYR A 621 13.64 32.61 25.42
C TYR A 621 12.71 33.50 24.61
N LYS A 622 12.23 34.57 25.21
CA LYS A 622 11.24 35.45 24.58
C LYS A 622 11.97 36.49 23.74
N CYS A 623 11.98 36.29 22.42
CA CYS A 623 12.56 37.23 21.49
C CYS A 623 11.61 37.45 20.32
N THR A 624 11.63 38.66 19.77
CA THR A 624 10.80 38.97 18.62
C THR A 624 11.31 38.21 17.39
N ALA A 625 10.44 38.11 16.39
CA ALA A 625 10.79 37.39 15.16
C ALA A 625 11.97 38.04 14.45
N LEU A 626 12.11 39.37 14.57
CA LEU A 626 13.25 40.04 13.97
C LEU A 626 14.56 39.58 14.60
N LYS A 627 14.61 39.55 15.94
CA LYS A 627 15.83 39.12 16.62
C LYS A 627 16.12 37.64 16.34
N LYS A 628 15.08 36.81 16.36
CA LYS A 628 15.27 35.40 16.07
C LYS A 628 15.81 35.18 14.66
N ALA A 629 15.26 35.91 13.68
CA ALA A 629 15.75 35.81 12.32
C ALA A 629 17.18 36.28 12.19
N GLN A 630 17.51 37.40 12.85
CA GLN A 630 18.87 37.92 12.78
C GLN A 630 19.87 36.93 13.37
N ILE A 631 19.49 36.27 14.48
CA ILE A 631 20.39 35.31 15.10
C ILE A 631 20.53 34.07 14.24
N GLU A 632 19.41 33.55 13.72
CA GLU A 632 19.41 32.26 13.05
C GLU A 632 19.79 32.31 11.57
N ALA A 633 19.85 33.50 10.97
CA ALA A 633 20.15 33.59 9.54
C ALA A 633 21.51 33.01 9.15
N PRO A 634 22.62 33.33 9.82
CA PRO A 634 23.92 32.83 9.33
C PRO A 634 24.03 31.32 9.28
N TYR A 635 23.33 30.60 10.15
CA TYR A 635 23.47 29.16 10.21
C TYR A 635 22.89 28.46 8.99
N HIS A 636 21.94 29.11 8.30
CA HIS A 636 21.31 28.49 7.14
C HIS A 636 22.31 28.23 6.02
N ASP A 637 23.23 29.18 5.78
CA ASP A 637 24.26 28.97 4.76
C ASP A 637 25.21 27.83 5.12
N LEU A 638 25.49 27.63 6.40
CA LEU A 638 26.40 26.58 6.84
C LEU A 638 25.75 25.20 6.80
N THR A 639 24.44 25.12 7.05
CA THR A 639 23.73 23.84 7.07
C THR A 639 23.15 23.55 5.69
N ARG A 640 24.04 23.13 4.78
CA ARG A 640 23.65 22.84 3.42
C ARG A 640 22.74 21.62 3.32
N GLY A 641 22.77 20.73 4.31
CA GLY A 641 21.91 19.57 4.29
C GLY A 641 20.52 19.79 4.81
N GLY A 642 20.24 20.96 5.38
CA GLY A 642 18.91 21.25 5.87
C GLY A 642 18.84 22.29 6.97
N HIS A 643 17.76 23.06 6.97
CA HIS A 643 17.56 24.14 7.93
C HIS A 643 16.11 24.59 7.84
N ILE A 644 15.66 25.30 8.86
CA ILE A 644 14.31 25.84 8.88
C ILE A 644 14.28 27.04 9.82
N PHE A 645 13.45 28.02 9.46
CA PHE A 645 13.08 29.11 10.35
C PHE A 645 11.66 28.86 10.84
N TYR A 646 11.43 29.07 12.13
CA TYR A 646 10.18 28.69 12.76
C TYR A 646 9.63 29.89 13.52
N VAL A 647 8.45 30.36 13.10
CA VAL A 647 7.80 31.49 13.75
C VAL A 647 6.47 31.02 14.32
N GLU A 648 6.26 31.25 15.61
CA GLU A 648 5.03 30.91 16.30
C GLU A 648 4.23 32.17 16.58
N ILE A 649 2.95 32.15 16.26
CA ILE A 649 2.08 33.31 16.45
C ILE A 649 0.63 32.87 16.43
N ASN A 656 -4.21 36.27 9.80
CA ASN A 656 -3.83 37.49 9.10
C ASN A 656 -2.64 37.26 8.19
N PRO A 657 -2.82 37.52 6.89
CA PRO A 657 -1.69 37.37 5.95
C PRO A 657 -0.55 38.33 6.21
N SER A 658 -0.78 39.41 6.97
CA SER A 658 0.26 40.41 7.18
C SER A 658 1.47 39.83 7.92
N VAL A 659 1.23 38.99 8.93
CA VAL A 659 2.34 38.43 9.70
C VAL A 659 3.12 37.44 8.85
N ILE A 660 2.44 36.66 8.01
CA ILE A 660 3.14 35.75 7.11
C ILE A 660 3.96 36.53 6.10
N GLU A 661 3.41 37.64 5.60
CA GLU A 661 4.17 38.51 4.70
C GLU A 661 5.41 39.05 5.39
N SER A 662 5.28 39.44 6.65
CA SER A 662 6.44 39.94 7.40
C SER A 662 7.50 38.85 7.59
N VAL A 663 7.06 37.62 7.86
CA VAL A 663 7.99 36.51 8.03
C VAL A 663 8.75 36.24 6.73
N VAL A 664 8.04 36.23 5.61
CA VAL A 664 8.71 36.03 4.33
C VAL A 664 9.62 37.20 4.01
N ASP A 665 9.22 38.42 4.40
CA ASP A 665 10.05 39.60 4.16
C ASP A 665 11.36 39.50 4.95
N MET A 666 11.30 39.05 6.19
CA MET A 666 12.53 38.91 6.96
C MET A 666 13.35 37.71 6.51
N MET A 667 12.69 36.71 5.92
CA MET A 667 13.44 35.63 5.26
C MET A 667 14.19 36.16 4.04
N ASP A 668 13.61 37.14 3.35
CA ASP A 668 14.28 37.75 2.21
C ASP A 668 15.40 38.68 2.64
N LYS A 669 15.18 39.47 3.70
CA LYS A 669 16.16 40.47 4.10
C LYS A 669 17.45 39.81 4.61
N TYR A 670 17.31 38.77 5.43
CA TYR A 670 18.44 38.00 5.92
C TYR A 670 18.42 36.64 5.24
N ASN A 671 19.53 36.26 4.61
CA ASN A 671 19.55 35.06 3.77
C ASN A 671 19.11 33.83 4.55
N MET A 672 17.93 33.32 4.21
CA MET A 672 17.36 32.15 4.87
C MET A 672 16.74 31.26 3.81
N GLY A 673 16.96 29.96 3.93
CA GLY A 673 16.48 29.02 2.94
C GLY A 673 15.04 28.61 3.10
N TYR A 674 14.67 28.14 4.28
CA TYR A 674 13.37 27.53 4.52
C TYR A 674 12.73 28.17 5.74
N GLY A 675 11.40 28.30 5.71
CA GLY A 675 10.69 28.97 6.77
C GLY A 675 9.27 28.47 6.90
N SER A 676 8.72 28.61 8.10
CA SER A 676 7.37 28.15 8.39
C SER A 676 6.81 28.93 9.58
N VAL A 677 5.49 29.08 9.58
CA VAL A 677 4.75 29.76 10.63
C VAL A 677 3.71 28.80 11.18
N ASN A 678 3.66 28.68 12.51
CA ASN A 678 2.78 27.75 13.20
C ASN A 678 1.94 28.50 14.24
N HIS A 679 1.25 27.73 15.07
CA HIS A 679 0.46 28.29 16.15
C HIS A 679 0.44 27.35 17.36
N ASN B 89 26.68 -20.86 26.70
CA ASN B 89 26.38 -22.24 26.41
C ASN B 89 26.45 -22.52 24.91
N GLN B 90 26.77 -23.77 24.56
CA GLN B 90 26.86 -24.13 23.14
C GLN B 90 25.51 -24.04 22.45
N ARG B 91 24.43 -24.45 23.13
CA ARG B 91 23.10 -24.37 22.55
C ARG B 91 22.69 -22.93 22.29
N ASN B 92 23.00 -22.03 23.23
CA ASN B 92 22.68 -20.61 23.04
C ASN B 92 23.44 -20.03 21.86
N ILE B 93 24.73 -20.39 21.72
CA ILE B 93 25.52 -19.90 20.60
C ILE B 93 24.97 -20.43 19.28
N ALA B 94 24.59 -21.71 19.24
CA ALA B 94 24.02 -22.29 18.03
C ALA B 94 22.70 -21.61 17.67
N ARG B 95 21.85 -21.35 18.66
CA ARG B 95 20.58 -20.67 18.40
C ARG B 95 20.81 -19.25 17.88
N LYS B 96 21.78 -18.54 18.48
CA LYS B 96 22.10 -17.20 18.01
C LYS B 96 22.62 -17.22 16.57
N ALA B 97 23.45 -18.20 16.25
CA ALA B 97 23.95 -18.34 14.88
C ALA B 97 22.81 -18.64 13.91
N LYS B 98 21.88 -19.50 14.31
CA LYS B 98 20.73 -19.80 13.46
C LYS B 98 19.88 -18.56 13.22
N THR B 99 19.62 -17.78 14.28
CA THR B 99 18.85 -16.55 14.11
C THR B 99 19.58 -15.56 13.21
N ARG B 100 20.90 -15.45 13.38
CA ARG B 100 21.68 -14.55 12.52
C ARG B 100 21.61 -14.98 11.07
N ASP B 101 21.73 -16.29 10.80
CA ASP B 101 21.65 -16.77 9.43
C ASP B 101 20.26 -16.54 8.83
N VAL B 102 19.20 -16.72 9.63
CA VAL B 102 17.86 -16.45 9.13
C VAL B 102 17.69 -14.95 8.83
N PHE B 103 18.21 -14.08 9.70
CA PHE B 103 18.09 -12.65 9.50
C PHE B 103 18.99 -12.12 8.39
N MET B 104 20.03 -12.85 8.00
CA MET B 104 20.88 -12.46 6.89
C MET B 104 20.44 -13.05 5.56
N SER B 105 19.72 -14.18 5.59
CA SER B 105 19.12 -14.69 4.36
C SER B 105 18.08 -13.72 3.82
N ILE B 106 17.33 -13.08 4.72
CA ILE B 106 16.38 -12.03 4.31
C ILE B 106 17.14 -10.84 3.74
N VAL B 107 18.25 -10.45 4.36
CA VAL B 107 19.01 -9.31 3.91
C VAL B 107 19.58 -9.55 2.51
N ASN B 108 20.13 -10.74 2.27
CA ASN B 108 20.79 -11.04 1.01
C ASN B 108 19.82 -11.40 -0.11
N ALA B 109 18.53 -11.51 0.19
CA ALA B 109 17.49 -11.75 -0.82
C ALA B 109 17.78 -13.01 -1.62
N LYS B 110 17.74 -14.15 -0.94
CA LYS B 110 17.94 -15.45 -1.54
C LYS B 110 16.67 -16.28 -1.39
N ASN B 111 16.40 -17.10 -2.40
CA ASN B 111 15.19 -17.93 -2.43
C ASN B 111 15.29 -19.01 -1.35
N ASN B 112 14.50 -18.86 -0.30
CA ASN B 112 14.51 -19.79 0.83
C ASN B 112 13.07 -20.16 1.19
N ASP B 113 12.94 -20.97 2.23
CA ASP B 113 11.62 -21.34 2.76
C ASP B 113 11.03 -20.27 3.66
N ILE B 114 11.80 -19.25 4.01
CA ILE B 114 11.30 -18.12 4.79
C ILE B 114 11.08 -16.87 3.94
N THR B 115 11.84 -16.71 2.85
CA THR B 115 11.66 -15.58 1.95
C THR B 115 10.71 -15.87 0.81
N ARG B 116 10.10 -17.06 0.78
CA ARG B 116 9.09 -17.41 -0.21
C ARG B 116 7.83 -17.98 0.44
N GLU B 117 7.62 -17.72 1.73
CA GLU B 117 6.45 -18.24 2.41
C GLU B 117 5.17 -17.70 1.79
N ASN B 118 5.13 -16.40 1.49
CA ASN B 118 3.99 -15.77 0.85
C ASN B 118 4.42 -15.25 -0.52
N ALA B 119 3.71 -15.67 -1.56
CA ALA B 119 4.07 -15.29 -2.93
C ALA B 119 3.59 -13.90 -3.30
N ASN B 120 2.73 -13.29 -2.49
CA ASN B 120 2.31 -11.91 -2.72
C ASN B 120 3.31 -10.88 -2.22
N MET B 121 3.96 -11.16 -1.10
CA MET B 121 4.93 -10.24 -0.54
C MET B 121 6.27 -10.39 -1.25
N ASN B 122 6.84 -9.27 -1.68
CA ASN B 122 8.13 -9.25 -2.36
C ASN B 122 9.22 -9.11 -1.31
N ALA B 123 10.00 -10.16 -1.11
CA ALA B 123 11.01 -10.18 -0.05
C ALA B 123 12.22 -9.32 -0.39
N ASP B 124 12.42 -8.97 -1.67
CA ASP B 124 13.56 -8.15 -2.04
C ASP B 124 13.41 -6.72 -1.53
N THR B 125 12.18 -6.22 -1.44
CA THR B 125 11.92 -4.84 -1.08
C THR B 125 12.18 -4.61 0.41
N PRO B 126 12.52 -3.37 0.78
CA PRO B 126 12.68 -3.08 2.22
C PRO B 126 11.46 -3.39 3.04
N ALA B 127 10.26 -3.11 2.52
CA ALA B 127 9.04 -3.45 3.26
C ALA B 127 8.91 -4.97 3.41
N GLY B 128 9.24 -5.72 2.37
CA GLY B 128 9.22 -7.16 2.48
C GLY B 128 10.23 -7.68 3.50
N MET B 129 11.43 -7.09 3.52
CA MET B 129 12.42 -7.49 4.51
C MET B 129 11.95 -7.19 5.93
N MET B 130 11.32 -6.02 6.14
CA MET B 130 10.81 -5.69 7.45
C MET B 130 9.69 -6.64 7.88
N MET B 131 8.80 -6.99 6.95
CA MET B 131 7.74 -7.93 7.27
C MET B 131 8.31 -9.31 7.59
N LYS B 132 9.35 -9.74 6.86
CA LYS B 132 9.97 -11.03 7.15
C LYS B 132 10.65 -11.02 8.52
N PHE B 133 11.31 -9.91 8.87
CA PHE B 133 11.91 -9.80 10.20
C PHE B 133 10.85 -9.85 11.29
N ALA B 134 9.72 -9.18 11.08
CA ALA B 134 8.63 -9.24 12.04
C ALA B 134 8.08 -10.66 12.16
N SER B 135 7.94 -11.36 11.04
CA SER B 135 7.46 -12.74 11.09
C SER B 135 8.42 -13.63 11.86
N GLU B 136 9.72 -13.47 11.61
CA GLU B 136 10.72 -14.32 12.26
C GLU B 136 10.85 -13.99 13.74
N THR B 137 10.56 -12.75 14.15
CA THR B 137 10.58 -12.44 15.58
C THR B 137 9.25 -12.72 16.27
N THR B 138 8.17 -12.93 15.52
CA THR B 138 6.87 -13.17 16.12
C THR B 138 6.50 -14.64 16.22
N LYS B 139 6.82 -15.45 15.20
CA LYS B 139 6.44 -16.86 15.25
C LYS B 139 7.05 -17.61 16.43
N PRO B 140 8.37 -17.50 16.71
CA PRO B 140 8.89 -18.13 17.93
C PRO B 140 8.26 -17.58 19.20
N PHE B 141 7.93 -16.30 19.23
CA PHE B 141 7.31 -15.72 20.43
C PHE B 141 5.95 -16.33 20.70
N VAL B 142 5.12 -16.49 19.66
CA VAL B 142 3.81 -17.09 19.88
C VAL B 142 3.94 -18.58 20.17
N ASP B 143 4.94 -19.23 19.58
CA ASP B 143 5.15 -20.65 19.86
C ASP B 143 5.56 -20.87 21.30
N ASP B 144 6.41 -20.01 21.85
CA ASP B 144 6.99 -20.23 23.17
C ASP B 144 6.20 -19.56 24.30
N TYR B 145 5.33 -18.61 24.00
CA TYR B 145 4.69 -17.88 25.09
C TYR B 145 3.17 -17.92 25.03
N LEU B 146 2.57 -17.82 23.84
CA LEU B 146 1.13 -17.63 23.75
C LEU B 146 0.36 -18.94 23.65
N LEU B 147 0.89 -19.92 22.91
CA LEU B 147 0.18 -21.18 22.73
C LEU B 147 0.20 -21.99 24.02
N SER B 148 -0.53 -23.09 24.01
CA SER B 148 -0.58 -24.03 25.12
C SER B 148 0.30 -25.24 24.83
N GLU B 149 0.54 -26.04 25.87
CA GLU B 149 1.42 -27.20 25.73
C GLU B 149 0.86 -28.19 24.71
N ASP B 150 -0.45 -28.39 24.71
CA ASP B 150 -1.07 -29.27 23.72
C ASP B 150 -0.94 -28.71 22.31
N VAL B 151 -1.16 -27.40 22.16
CA VAL B 151 -1.05 -26.77 20.84
C VAL B 151 0.38 -26.84 20.33
N ARG B 152 1.36 -26.51 21.20
CA ARG B 152 2.75 -26.61 20.80
C ARG B 152 3.15 -28.03 20.49
N ASP B 153 2.62 -28.99 21.25
CA ASP B 153 2.90 -30.39 21.00
C ASP B 153 2.40 -30.80 19.62
N ALA B 154 1.18 -30.37 19.27
CA ALA B 154 0.64 -30.67 17.95
C ALA B 154 1.44 -30.01 16.84
N VAL B 155 1.81 -28.74 17.03
CA VAL B 155 2.48 -27.98 15.97
C VAL B 155 3.88 -28.53 15.71
N MET B 156 4.64 -28.77 16.78
CA MET B 156 6.00 -29.27 16.62
C MET B 156 6.03 -30.71 16.10
N HIS B 157 4.94 -31.46 16.29
CA HIS B 157 4.87 -32.84 15.84
C HIS B 157 4.30 -32.98 14.43
N ASN B 158 4.20 -31.89 13.67
CA ASN B 158 3.74 -31.91 12.28
C ASN B 158 2.30 -32.45 12.18
N TYR B 159 1.47 -32.08 13.15
CA TYR B 159 0.06 -32.43 13.12
C TYR B 159 -0.86 -31.26 12.82
N ILE B 160 -0.51 -30.07 13.32
CA ILE B 160 -1.35 -28.89 13.17
C ILE B 160 -0.50 -27.75 12.60
N HIS B 161 -1.08 -27.01 11.66
CA HIS B 161 -0.46 -25.84 11.06
C HIS B 161 -1.36 -24.64 11.36
N ILE B 162 -0.97 -23.82 12.34
CA ILE B 162 -1.69 -22.59 12.60
C ILE B 162 -1.36 -21.59 11.51
N HIS B 163 -2.40 -20.95 10.96
CA HIS B 163 -2.25 -20.05 9.82
C HIS B 163 -2.12 -18.61 10.31
N ASP B 164 -1.18 -17.88 9.70
CA ASP B 164 -0.88 -16.50 10.07
C ASP B 164 -0.41 -16.42 11.53
N LYS B 165 0.62 -17.20 11.85
CA LYS B 165 1.17 -17.19 13.20
C LYS B 165 1.80 -15.83 13.51
N ASP B 166 2.41 -15.20 12.51
CA ASP B 166 3.11 -13.94 12.74
C ASP B 166 2.18 -12.85 13.25
N TYR B 167 0.89 -12.92 12.89
CA TYR B 167 -0.07 -11.90 13.29
C TYR B 167 -0.86 -12.28 14.53
N TYR B 168 -0.49 -13.36 15.21
CA TYR B 168 -1.19 -13.73 16.43
C TYR B 168 -1.13 -12.65 17.51
N PRO B 169 0.03 -12.06 17.85
CA PRO B 169 0.03 -11.06 18.93
C PRO B 169 -0.76 -9.82 18.63
N THR B 170 -1.03 -9.53 17.36
CA THR B 170 -1.73 -8.32 16.96
C THR B 170 -3.23 -8.37 17.22
N LYS B 171 -3.76 -9.53 17.58
CA LYS B 171 -5.19 -9.75 17.79
C LYS B 171 -6.00 -9.46 16.53
N SER B 172 -5.36 -9.51 15.37
CA SER B 172 -6.02 -9.20 14.12
C SER B 172 -6.99 -10.30 13.72
N LEU B 173 -8.07 -9.90 13.06
CA LEU B 173 -9.03 -10.83 12.48
C LEU B 173 -8.65 -11.08 11.02
N THR B 174 -9.14 -12.20 10.48
CA THR B 174 -8.66 -12.64 9.18
C THR B 174 -9.23 -11.77 8.05
N CYS B 175 -10.55 -11.80 7.87
CA CYS B 175 -11.15 -11.18 6.70
C CYS B 175 -12.52 -10.63 7.06
N VAL B 176 -13.03 -9.76 6.19
CA VAL B 176 -14.35 -9.18 6.34
C VAL B 176 -14.91 -8.85 4.97
N GLN B 177 -16.23 -8.82 4.87
CA GLN B 177 -16.93 -8.34 3.68
C GLN B 177 -17.34 -6.90 3.91
N HIS B 178 -16.93 -6.02 3.01
CA HIS B 178 -17.09 -4.59 3.23
C HIS B 178 -18.54 -4.16 3.05
N PRO B 179 -19.15 -3.54 4.05
CA PRO B 179 -20.43 -2.83 3.84
C PRO B 179 -20.18 -1.42 3.31
N LEU B 180 -19.82 -1.35 2.02
CA LEU B 180 -19.32 -0.12 1.43
C LEU B 180 -20.35 1.00 1.44
N ASP B 181 -21.63 0.68 1.59
CA ASP B 181 -22.66 1.70 1.47
C ASP B 181 -22.55 2.74 2.58
N VAL B 182 -22.26 2.30 3.81
CA VAL B 182 -22.17 3.25 4.92
C VAL B 182 -20.98 4.19 4.74
N ILE B 183 -19.85 3.65 4.29
CA ILE B 183 -18.67 4.48 4.03
C ILE B 183 -18.96 5.48 2.93
N LEU B 184 -19.60 5.03 1.85
CA LEU B 184 -19.85 5.92 0.72
C LEU B 184 -20.94 6.95 1.03
N ASN B 185 -21.84 6.65 1.97
CA ASN B 185 -22.96 7.52 2.25
C ASN B 185 -22.73 8.47 3.41
N HIS B 186 -21.81 8.15 4.33
CA HIS B 186 -21.56 9.02 5.46
C HIS B 186 -20.10 9.46 5.60
N GLY B 187 -19.20 8.92 4.78
CA GLY B 187 -17.79 9.23 4.96
C GLY B 187 -17.20 8.43 6.11
N PHE B 188 -15.96 8.78 6.45
CA PHE B 188 -15.27 8.07 7.51
C PHE B 188 -14.11 8.91 8.01
N THR B 189 -13.83 8.79 9.31
CA THR B 189 -12.70 9.47 9.95
C THR B 189 -11.77 8.40 10.49
N ALA B 190 -10.73 8.08 9.74
CA ALA B 190 -9.72 7.11 10.14
C ALA B 190 -8.41 7.84 10.40
N GLY B 191 -7.91 7.73 11.63
CA GLY B 191 -6.74 8.50 12.01
C GLY B 191 -7.01 9.98 11.88
N HIS B 192 -6.10 10.68 11.22
CA HIS B 192 -6.30 12.09 10.90
C HIS B 192 -6.93 12.31 9.53
N GLY B 193 -7.27 11.23 8.83
CA GLY B 193 -7.90 11.34 7.52
C GLY B 193 -9.42 11.29 7.60
N SER B 194 -10.06 12.40 7.22
CA SER B 194 -11.51 12.51 7.23
C SER B 194 -12.02 12.65 5.80
N SER B 195 -13.06 11.88 5.46
CA SER B 195 -13.67 11.93 4.15
C SER B 195 -15.18 12.05 4.30
N ARG B 196 -15.76 12.93 3.49
CA ARG B 196 -17.19 13.20 3.47
C ARG B 196 -17.87 12.34 2.41
N PRO B 197 -19.20 12.23 2.45
CA PRO B 197 -19.89 11.32 1.52
C PRO B 197 -19.60 11.63 0.07
N ALA B 198 -19.49 10.58 -0.73
CA ALA B 198 -19.16 10.70 -2.14
C ALA B 198 -20.31 11.29 -2.93
N LYS B 199 -19.97 12.02 -3.99
CA LYS B 199 -20.96 12.63 -4.88
C LYS B 199 -20.87 12.15 -6.32
N ARG B 200 -19.92 11.28 -6.66
CA ARG B 200 -19.76 10.80 -8.02
C ARG B 200 -19.10 9.43 -7.99
N ILE B 201 -19.08 8.78 -9.15
CA ILE B 201 -18.67 7.38 -9.21
C ILE B 201 -17.16 7.23 -9.00
N GLU B 202 -16.37 8.16 -9.53
CA GLU B 202 -14.92 8.09 -9.34
C GLU B 202 -14.56 8.20 -7.86
N THR B 203 -15.22 9.11 -7.14
CA THR B 203 -15.02 9.21 -5.71
C THR B 203 -15.39 7.90 -5.01
N ALA B 204 -16.48 7.28 -5.44
CA ALA B 204 -16.90 6.01 -4.82
C ALA B 204 -15.87 4.91 -5.05
N ALA B 205 -15.33 4.80 -6.26
CA ALA B 205 -14.33 3.79 -6.54
C ALA B 205 -13.05 4.03 -5.74
N VAL B 206 -12.60 5.29 -5.67
CA VAL B 206 -11.39 5.58 -4.90
C VAL B 206 -11.64 5.33 -3.43
N LEU B 207 -12.83 5.63 -2.92
CA LEU B 207 -13.14 5.35 -1.52
C LEU B 207 -13.21 3.86 -1.25
N ALA B 208 -13.67 3.07 -2.22
CA ALA B 208 -13.63 1.62 -2.06
C ALA B 208 -12.19 1.12 -1.96
N CYS B 209 -11.32 1.65 -2.82
CA CYS B 209 -9.90 1.29 -2.74
C CYS B 209 -9.32 1.69 -1.38
N ILE B 210 -9.67 2.89 -0.90
CA ILE B 210 -9.17 3.37 0.38
C ILE B 210 -9.65 2.47 1.51
N SER B 211 -10.92 2.07 1.49
CA SER B 211 -11.45 1.20 2.53
C SER B 211 -10.75 -0.15 2.52
N LEU B 212 -10.51 -0.71 1.33
CA LEU B 212 -9.82 -1.98 1.25
C LEU B 212 -8.40 -1.88 1.78
N GLU B 213 -7.68 -0.82 1.41
CA GLU B 213 -6.32 -0.63 1.92
C GLU B 213 -6.30 -0.45 3.43
N THR B 214 -7.22 0.38 3.96
CA THR B 214 -7.25 0.66 5.38
C THR B 214 -7.57 -0.60 6.18
N CYS B 215 -8.54 -1.38 5.74
CA CYS B 215 -8.88 -2.61 6.45
C CYS B 215 -7.79 -3.66 6.31
N GLN B 216 -7.07 -3.65 5.18
CA GLN B 216 -5.94 -4.55 5.04
C GLN B 216 -4.84 -4.20 6.02
N ASN B 217 -4.65 -2.92 6.30
CA ASN B 217 -3.69 -2.51 7.31
C ASN B 217 -4.11 -2.91 8.72
N GLU B 218 -5.34 -3.37 8.91
CA GLU B 218 -5.84 -3.76 10.21
C GLU B 218 -6.13 -5.26 10.33
N MET B 219 -5.86 -6.04 9.29
CA MET B 219 -6.19 -7.46 9.27
C MET B 219 -5.11 -8.22 8.52
N HIS B 220 -5.09 -9.53 8.71
CA HIS B 220 -4.05 -10.38 8.14
C HIS B 220 -4.55 -11.26 7.01
N GLY B 221 -5.74 -11.01 6.48
CA GLY B 221 -6.25 -11.84 5.41
C GLY B 221 -6.75 -11.08 4.20
N GLY B 222 -7.55 -11.74 3.36
CA GLY B 222 -8.03 -11.10 2.15
C GLY B 222 -9.18 -10.13 2.42
N GLN B 223 -9.27 -9.13 1.55
CA GLN B 223 -10.31 -8.11 1.64
C GLN B 223 -11.23 -8.24 0.43
N ALA B 224 -12.53 -8.36 0.69
CA ALA B 224 -13.50 -8.55 -0.38
C ALA B 224 -14.64 -7.56 -0.23
N ILE B 225 -15.15 -7.12 -1.37
CA ILE B 225 -16.30 -6.23 -1.45
C ILE B 225 -17.48 -7.05 -1.99
N PRO B 226 -18.46 -7.39 -1.17
CA PRO B 226 -19.70 -7.95 -1.70
C PRO B 226 -20.58 -6.84 -2.25
N ALA B 227 -21.51 -7.24 -3.12
CA ALA B 227 -22.49 -6.31 -3.69
C ALA B 227 -21.81 -5.09 -4.29
N PHE B 228 -20.72 -5.32 -5.02
CA PHE B 228 -19.99 -4.24 -5.66
C PHE B 228 -20.90 -3.45 -6.59
N ASP B 229 -21.67 -4.16 -7.42
CA ASP B 229 -22.64 -3.51 -8.30
C ASP B 229 -23.71 -2.77 -7.49
N PHE B 230 -24.25 -3.41 -6.45
CA PHE B 230 -25.28 -2.77 -5.64
C PHE B 230 -24.76 -1.52 -4.96
N TYR B 231 -23.54 -1.59 -4.42
CA TYR B 231 -22.99 -0.46 -3.69
C TYR B 231 -22.61 0.69 -4.61
N LEU B 232 -22.18 0.39 -5.84
CA LEU B 232 -21.81 1.46 -6.77
C LEU B 232 -22.96 1.91 -7.67
N ALA B 233 -24.13 1.27 -7.57
CA ALA B 233 -25.25 1.68 -8.40
C ALA B 233 -25.70 3.12 -8.20
N PRO B 234 -25.95 3.61 -6.97
CA PRO B 234 -26.49 4.97 -6.82
C PRO B 234 -25.61 6.05 -7.40
N TYR B 235 -24.29 5.85 -7.41
CA TYR B 235 -23.39 6.89 -7.86
C TYR B 235 -23.32 7.00 -9.38
N VAL B 236 -23.70 5.93 -10.10
CA VAL B 236 -23.92 6.07 -11.53
C VAL B 236 -25.06 7.04 -11.80
N ARG B 237 -26.17 6.91 -11.06
CA ARG B 237 -27.28 7.84 -11.19
C ARG B 237 -26.87 9.25 -10.77
N MET B 238 -26.07 9.37 -9.70
CA MET B 238 -25.60 10.69 -9.28
C MET B 238 -24.75 11.36 -10.35
N SER B 239 -23.85 10.59 -10.97
CA SER B 239 -23.05 11.12 -12.08
C SER B 239 -23.91 11.48 -13.27
N TYR B 240 -24.94 10.69 -13.56
CA TYR B 240 -25.85 11.02 -14.64
C TYR B 240 -26.57 12.34 -14.38
N GLN B 241 -27.02 12.54 -13.15
CA GLN B 241 -27.67 13.80 -12.79
C GLN B 241 -26.72 14.98 -12.84
N GLU B 242 -25.45 14.78 -12.45
CA GLU B 242 -24.46 15.83 -12.60
C GLU B 242 -24.23 16.19 -14.06
N GLU B 243 -24.12 15.20 -14.94
CA GLU B 243 -24.01 15.49 -16.37
C GLU B 243 -25.24 16.19 -16.92
N VAL B 244 -26.44 15.80 -16.49
CA VAL B 244 -27.67 16.45 -16.92
C VAL B 244 -27.71 17.90 -16.46
N LYS B 245 -27.32 18.18 -15.22
CA LYS B 245 -27.34 19.55 -14.74
C LYS B 245 -26.27 20.39 -15.42
N ASN B 246 -25.13 19.77 -15.78
CA ASN B 246 -24.13 20.50 -16.56
C ASN B 246 -24.68 20.88 -17.93
N LEU B 247 -25.36 19.94 -18.60
CA LEU B 247 -25.99 20.26 -19.88
C LEU B 247 -27.05 21.33 -19.72
N GLU B 248 -27.79 21.29 -18.61
CA GLU B 248 -28.83 22.30 -18.35
C GLU B 248 -28.21 23.68 -18.15
N LYS B 249 -27.08 23.75 -17.45
CA LYS B 249 -26.38 25.03 -17.30
C LYS B 249 -25.87 25.53 -18.64
N LEU B 250 -25.35 24.61 -19.47
CA LEU B 250 -24.84 25.02 -20.78
C LEU B 250 -25.96 25.54 -21.68
N THR B 251 -27.11 24.86 -21.68
CA THR B 251 -28.16 25.15 -22.65
C THR B 251 -29.31 25.98 -22.08
N GLY B 252 -29.55 25.91 -20.77
CA GLY B 252 -30.65 26.65 -20.19
C GLY B 252 -32.00 25.96 -20.29
N GLU B 253 -32.04 24.71 -20.75
CA GLU B 253 -33.30 23.98 -20.87
C GLU B 253 -33.81 23.60 -19.49
N ASP B 254 -34.93 22.87 -19.47
CA ASP B 254 -35.54 22.36 -18.24
C ASP B 254 -35.46 20.83 -18.31
N LEU B 255 -34.34 20.28 -17.85
CA LEU B 255 -34.11 18.85 -17.85
C LEU B 255 -34.47 18.21 -16.51
N SER B 256 -35.44 18.77 -15.80
CA SER B 256 -35.84 18.24 -14.51
C SER B 256 -36.43 16.83 -14.64
N ASN B 257 -37.14 16.56 -15.73
CA ASN B 257 -37.71 15.24 -15.93
C ASN B 257 -36.65 14.18 -16.20
N LEU B 258 -35.43 14.58 -16.52
CA LEU B 258 -34.32 13.65 -16.75
C LEU B 258 -33.44 13.51 -15.51
N TYR B 259 -34.02 13.63 -14.32
CA TYR B 259 -33.31 13.43 -13.07
C TYR B 259 -33.57 12.06 -12.47
N ASP B 260 -34.83 11.68 -12.29
CA ASP B 260 -35.18 10.37 -11.78
C ASP B 260 -35.92 9.52 -12.80
N ALA B 261 -35.85 9.87 -14.08
CA ALA B 261 -36.53 9.11 -15.10
C ALA B 261 -35.92 7.71 -15.22
N PRO B 262 -36.74 6.68 -15.43
CA PRO B 262 -36.18 5.33 -15.58
C PRO B 262 -35.29 5.23 -16.81
N ILE B 263 -34.22 4.46 -16.67
CA ILE B 263 -33.29 4.19 -17.76
C ILE B 263 -33.16 2.69 -17.91
N ASP B 264 -33.42 2.19 -19.13
CA ASP B 264 -33.33 0.75 -19.37
C ASP B 264 -31.89 0.26 -19.19
N ASP B 265 -30.93 1.01 -19.71
CA ASP B 265 -29.52 0.62 -19.60
C ASP B 265 -28.66 1.84 -19.90
N TYR B 266 -27.43 1.80 -19.38
CA TYR B 266 -26.43 2.83 -19.66
C TYR B 266 -25.52 2.30 -20.77
N ILE B 267 -25.97 2.45 -22.00
CA ILE B 267 -25.23 2.02 -23.18
C ILE B 267 -24.83 3.27 -23.97
N GLU B 268 -23.54 3.38 -24.26
CA GLU B 268 -23.06 4.51 -25.06
C GLU B 268 -23.45 4.30 -26.51
N LYS B 269 -24.09 5.31 -27.10
CA LYS B 269 -24.52 5.25 -28.49
C LYS B 269 -24.01 6.45 -29.26
N PRO B 270 -23.59 6.27 -30.51
CA PRO B 270 -23.15 7.41 -31.31
C PRO B 270 -24.29 8.40 -31.52
N LEU B 271 -23.95 9.68 -31.46
CA LEU B 271 -24.94 10.76 -31.62
C LEU B 271 -25.09 11.16 -33.09
N ASP B 272 -25.34 10.17 -33.94
CA ASP B 272 -25.43 10.37 -35.39
C ASP B 272 -26.89 10.23 -35.80
N GLY B 273 -27.61 11.35 -35.79
CA GLY B 273 -28.95 11.35 -36.33
C GLY B 273 -30.05 11.69 -35.35
N LEU B 274 -29.70 12.22 -34.19
CA LEU B 274 -30.69 12.66 -33.21
C LEU B 274 -30.33 14.07 -32.75
N GLN B 275 -31.34 14.94 -32.68
CA GLN B 275 -31.13 16.34 -32.38
C GLN B 275 -32.10 16.77 -31.29
N GLY B 276 -31.65 17.71 -30.47
CA GLY B 276 -32.48 18.26 -29.42
C GLY B 276 -32.44 17.45 -28.14
N ARG B 277 -33.56 17.47 -27.41
CA ARG B 277 -33.61 16.90 -26.06
C ARG B 277 -33.06 15.48 -26.03
N GLU B 278 -33.56 14.63 -26.91
CA GLU B 278 -33.10 13.24 -26.95
C GLU B 278 -31.59 13.17 -27.04
N ARG B 279 -30.99 13.89 -28.01
CA ARG B 279 -29.55 13.91 -28.14
C ARG B 279 -28.90 14.27 -26.80
N LEU B 280 -29.35 15.38 -26.20
CA LEU B 280 -28.81 15.78 -24.91
C LEU B 280 -28.84 14.63 -23.93
N GLU B 281 -30.00 13.98 -23.80
CA GLU B 281 -30.12 12.87 -22.86
C GLU B 281 -29.09 11.80 -23.17
N GLN B 282 -28.99 11.39 -24.44
CA GLN B 282 -28.02 10.37 -24.79
C GLN B 282 -26.61 10.82 -24.48
N HIS B 283 -26.31 12.10 -24.71
CA HIS B 283 -24.99 12.60 -24.39
C HIS B 283 -24.65 12.35 -22.93
N ALA B 284 -25.61 12.63 -22.03
CA ALA B 284 -25.39 12.38 -20.63
C ALA B 284 -25.01 10.92 -20.40
N ILE B 285 -25.77 9.99 -21.00
CA ILE B 285 -25.42 8.59 -20.87
C ILE B 285 -24.04 8.34 -21.44
N ASN B 286 -23.75 8.88 -22.62
CA ASN B 286 -22.44 8.64 -23.23
C ASN B 286 -21.32 9.23 -22.38
N LYS B 287 -21.65 10.19 -21.52
CA LYS B 287 -20.64 10.65 -20.57
C LYS B 287 -20.65 9.80 -19.31
N THR B 288 -21.84 9.46 -18.80
CA THR B 288 -21.92 8.69 -17.57
C THR B 288 -21.19 7.36 -17.73
N VAL B 289 -21.45 6.64 -18.83
CA VAL B 289 -20.74 5.41 -19.12
C VAL B 289 -19.24 5.65 -19.11
N ASN B 290 -18.79 6.72 -19.75
CA ASN B 290 -17.36 7.02 -19.74
C ASN B 290 -16.87 7.27 -18.32
N ARG B 291 -17.63 8.03 -17.53
CA ARG B 291 -17.25 8.25 -16.15
C ARG B 291 -17.25 6.97 -15.35
N VAL B 292 -18.01 5.96 -15.77
CA VAL B 292 -17.95 4.65 -15.12
C VAL B 292 -16.83 3.80 -15.68
N HIS B 293 -16.41 4.03 -16.92
CA HIS B 293 -15.35 3.21 -17.49
C HIS B 293 -13.99 3.53 -16.89
N GLN B 294 -13.71 4.79 -16.60
CA GLN B 294 -12.47 5.14 -15.91
C GLN B 294 -12.51 4.67 -14.45
N ALA B 295 -13.61 4.97 -13.75
CA ALA B 295 -13.71 4.63 -12.34
C ALA B 295 -13.50 3.14 -12.09
N MET B 296 -14.05 2.30 -12.96
CA MET B 296 -13.79 0.88 -12.85
C MET B 296 -12.34 0.56 -13.23
N GLU B 297 -11.87 1.10 -14.35
CA GLU B 297 -10.51 0.83 -14.79
C GLU B 297 -9.51 1.21 -13.71
N ALA B 298 -9.63 2.42 -13.18
CA ALA B 298 -8.80 2.85 -12.07
C ALA B 298 -8.82 1.83 -10.95
N PHE B 299 -10.01 1.37 -10.57
CA PHE B 299 -10.12 0.35 -9.53
C PHE B 299 -9.25 -0.85 -9.86
N ILE B 300 -9.42 -1.41 -11.07
CA ILE B 300 -8.67 -2.59 -11.45
C ILE B 300 -7.17 -2.31 -11.42
N HIS B 301 -6.79 -1.08 -11.75
CA HIS B 301 -5.38 -0.73 -11.66
C HIS B 301 -4.94 -0.54 -10.22
N ASN B 302 -5.75 0.17 -9.42
CA ASN B 302 -5.32 0.49 -8.06
C ASN B 302 -5.12 -0.78 -7.23
N MET B 303 -6.06 -1.72 -7.30
CA MET B 303 -5.90 -2.97 -6.58
C MET B 303 -4.76 -3.81 -7.13
N ASN B 304 -4.35 -3.60 -8.38
CA ASN B 304 -3.18 -4.26 -8.91
C ASN B 304 -1.90 -3.51 -8.61
N THR B 305 -2.00 -2.28 -8.12
CA THR B 305 -0.83 -1.48 -7.77
C THR B 305 -0.59 -1.42 -6.27
N ILE B 306 -1.61 -1.06 -5.48
CA ILE B 306 -1.47 -1.06 -4.03
C ILE B 306 -1.27 -2.45 -3.46
N HIS B 307 -1.38 -3.49 -4.29
CA HIS B 307 -0.95 -4.83 -3.92
C HIS B 307 0.48 -5.10 -4.37
N SER B 308 0.88 -4.59 -5.54
CA SER B 308 2.25 -4.76 -6.00
C SER B 308 3.23 -4.06 -5.06
N ARG B 309 2.78 -3.03 -4.38
CA ARG B 309 3.57 -2.35 -3.35
C ARG B 309 2.82 -2.46 -2.03
N GLY B 310 3.51 -2.91 -0.99
CA GLY B 310 2.91 -2.95 0.32
C GLY B 310 3.91 -2.72 1.44
N GLY B 311 3.67 -1.70 2.25
CA GLY B 311 4.49 -1.47 3.42
C GLY B 311 4.00 -2.31 4.57
N ASN B 312 2.69 -2.35 4.72
CA ASN B 312 2.03 -3.27 5.64
C ASN B 312 1.74 -4.57 4.88
N GLN B 313 0.81 -5.37 5.40
CA GLN B 313 0.43 -6.60 4.70
C GLN B 313 -0.10 -6.28 3.31
N VAL B 314 0.27 -7.11 2.33
CA VAL B 314 -0.14 -6.89 0.96
C VAL B 314 -1.67 -6.87 0.86
N VAL B 315 -2.16 -6.11 -0.11
CA VAL B 315 -3.60 -5.89 -0.26
C VAL B 315 -4.16 -7.04 -1.10
N PHE B 316 -4.67 -8.05 -0.41
CA PHE B 316 -5.38 -9.15 -1.05
C PHE B 316 -6.81 -8.71 -1.29
N SER B 317 -7.18 -8.52 -2.56
CA SER B 317 -8.44 -7.89 -2.90
C SER B 317 -9.30 -8.83 -3.74
N SER B 318 -10.61 -8.73 -3.54
CA SER B 318 -11.58 -9.45 -4.34
C SER B 318 -12.91 -8.72 -4.28
N ILE B 319 -13.72 -8.89 -5.33
CA ILE B 319 -15.02 -8.25 -5.43
C ILE B 319 -16.03 -9.27 -5.95
N ASN B 320 -17.28 -9.11 -5.53
CA ASN B 320 -18.36 -10.00 -5.94
C ASN B 320 -19.44 -9.19 -6.65
N TYR B 321 -19.89 -9.68 -7.80
CA TYR B 321 -20.91 -9.00 -8.58
C TYR B 321 -21.62 -10.02 -9.46
N GLY B 322 -22.82 -9.65 -9.91
CA GLY B 322 -23.55 -10.49 -10.84
C GLY B 322 -25.05 -10.55 -10.63
N THR B 323 -25.54 -9.95 -9.56
CA THR B 323 -26.95 -10.09 -9.18
C THR B 323 -27.70 -8.76 -9.12
N ASP B 324 -27.16 -7.68 -9.69
CA ASP B 324 -27.82 -6.38 -9.68
C ASP B 324 -28.52 -6.22 -11.03
N THR B 325 -29.83 -6.42 -11.04
CA THR B 325 -30.63 -6.31 -12.25
C THR B 325 -31.21 -4.90 -12.42
N SER B 326 -30.34 -3.91 -12.32
CA SER B 326 -30.69 -2.52 -12.55
C SER B 326 -29.67 -1.91 -13.51
N ALA B 327 -30.06 -0.79 -14.14
CA ALA B 327 -29.22 -0.19 -15.15
C ALA B 327 -27.86 0.19 -14.60
N GLU B 328 -27.84 0.79 -13.40
CA GLU B 328 -26.58 1.24 -12.82
C GLU B 328 -25.68 0.06 -12.44
N GLY B 329 -26.24 -0.96 -11.80
CA GLY B 329 -25.45 -2.12 -11.46
C GLY B 329 -24.96 -2.88 -12.68
N ARG B 330 -25.81 -3.00 -13.70
CA ARG B 330 -25.38 -3.63 -14.95
C ARG B 330 -24.27 -2.84 -15.60
N CYS B 331 -24.35 -1.50 -15.56
CA CYS B 331 -23.27 -0.67 -16.09
C CYS B 331 -21.97 -0.91 -15.34
N ILE B 332 -22.04 -0.96 -14.00
CA ILE B 332 -20.84 -1.19 -13.19
C ILE B 332 -20.21 -2.54 -13.56
N MET B 333 -21.03 -3.58 -13.62
CA MET B 333 -20.52 -4.92 -13.92
C MET B 333 -19.93 -4.98 -15.32
N ARG B 334 -20.61 -4.38 -16.30
CA ARG B 334 -20.13 -4.40 -17.67
C ARG B 334 -18.79 -3.68 -17.79
N GLU B 335 -18.66 -2.53 -17.13
CA GLU B 335 -17.39 -1.80 -17.19
C GLU B 335 -16.28 -2.57 -16.49
N ILE B 336 -16.58 -3.22 -15.36
CA ILE B 336 -15.57 -4.02 -14.67
C ILE B 336 -15.09 -5.15 -15.57
N LEU B 337 -16.02 -5.87 -16.19
CA LEU B 337 -15.65 -6.99 -17.05
C LEU B 337 -14.86 -6.52 -18.27
N GLN B 338 -15.29 -5.41 -18.89
CA GLN B 338 -14.58 -4.90 -20.05
C GLN B 338 -13.17 -4.46 -19.70
N SER B 339 -13.01 -3.76 -18.58
CA SER B 339 -11.68 -3.31 -18.16
C SER B 339 -10.78 -4.51 -17.84
N THR B 340 -11.33 -5.53 -17.19
CA THR B 340 -10.54 -6.73 -16.92
C THR B 340 -10.11 -7.41 -18.21
N TYR B 341 -11.01 -7.51 -19.18
CA TYR B 341 -10.66 -8.14 -20.45
C TYR B 341 -9.58 -7.36 -21.17
N GLN B 342 -9.70 -6.03 -21.19
CA GLN B 342 -8.67 -5.21 -21.86
C GLN B 342 -7.32 -5.39 -21.19
N GLY B 343 -7.28 -5.41 -19.87
CA GLY B 343 -6.07 -5.66 -19.13
C GLY B 343 -5.61 -4.45 -18.34
N VAL B 344 -4.45 -4.60 -17.70
CA VAL B 344 -3.83 -3.56 -16.90
C VAL B 344 -2.47 -3.25 -17.50
N GLY B 345 -2.20 -1.97 -17.71
CA GLY B 345 -0.94 -1.58 -18.31
C GLY B 345 -0.96 -1.84 -19.81
N ASN B 346 0.11 -2.47 -20.30
CA ASN B 346 0.25 -2.76 -21.74
C ASN B 346 -0.47 -4.06 -22.09
N GLY B 347 -1.76 -4.09 -21.77
CA GLY B 347 -2.58 -5.26 -22.05
C GLY B 347 -2.14 -6.49 -21.28
N GLU B 348 -1.79 -6.32 -20.02
CA GLU B 348 -1.37 -7.43 -19.18
C GLU B 348 -2.51 -7.89 -18.28
N THR B 349 -2.36 -9.09 -17.74
CA THR B 349 -3.37 -9.68 -16.88
C THR B 349 -3.27 -9.08 -15.49
N ALA B 350 -4.38 -8.54 -15.00
CA ALA B 350 -4.44 -8.03 -13.65
C ALA B 350 -4.40 -9.20 -12.67
N ILE B 351 -3.29 -9.31 -11.93
CA ILE B 351 -3.19 -10.36 -10.91
C ILE B 351 -4.26 -10.14 -9.85
N PHE B 352 -4.48 -8.90 -9.46
CA PHE B 352 -5.53 -8.50 -8.54
C PHE B 352 -6.29 -7.33 -9.13
N PRO B 353 -7.55 -7.14 -8.74
CA PRO B 353 -8.34 -7.91 -7.77
C PRO B 353 -8.88 -9.22 -8.33
N ILE B 354 -9.09 -10.22 -7.48
CA ILE B 354 -9.75 -11.45 -7.90
C ILE B 354 -11.24 -11.17 -8.02
N GLN B 355 -11.80 -11.47 -9.20
CA GLN B 355 -13.20 -11.19 -9.46
C GLN B 355 -14.01 -12.47 -9.34
N ILE B 356 -15.19 -12.37 -8.75
CA ILE B 356 -16.07 -13.50 -8.53
C ILE B 356 -17.43 -13.18 -9.12
N TRP B 357 -17.92 -14.07 -9.98
CA TRP B 357 -19.25 -13.93 -10.56
C TRP B 357 -20.24 -14.71 -9.72
N LYS B 358 -21.28 -14.03 -9.24
CA LYS B 358 -22.30 -14.66 -8.41
C LYS B 358 -23.37 -15.25 -9.31
N LYS B 359 -23.20 -16.53 -9.64
CA LYS B 359 -24.16 -17.24 -10.48
C LYS B 359 -25.39 -17.62 -9.68
N LYS B 360 -26.57 -17.28 -10.21
CA LYS B 360 -27.82 -17.66 -9.58
C LYS B 360 -28.90 -17.79 -10.66
N ARG B 361 -29.78 -18.77 -10.48
CA ARG B 361 -30.86 -19.02 -11.42
C ARG B 361 -31.97 -18.00 -11.21
N GLY B 362 -32.52 -17.52 -12.33
CA GLY B 362 -33.58 -16.53 -12.30
C GLY B 362 -33.11 -15.10 -12.33
N VAL B 363 -31.81 -14.84 -12.21
CA VAL B 363 -31.29 -13.49 -12.26
C VAL B 363 -30.21 -13.35 -13.33
N ASN B 364 -29.26 -14.29 -13.36
CA ASN B 364 -28.14 -14.18 -14.30
C ASN B 364 -27.67 -15.47 -14.94
N TYR B 365 -28.34 -16.60 -14.69
CA TYR B 365 -27.85 -17.87 -15.23
C TYR B 365 -28.63 -18.36 -16.44
N LEU B 366 -29.96 -18.34 -16.38
CA LEU B 366 -30.74 -18.83 -17.50
C LEU B 366 -30.81 -17.80 -18.61
N PRO B 367 -30.99 -18.24 -19.86
CA PRO B 367 -31.05 -17.28 -20.97
C PRO B 367 -32.18 -16.27 -20.86
N GLU B 368 -33.28 -16.62 -20.20
CA GLU B 368 -34.37 -15.67 -20.01
C GLU B 368 -34.14 -14.71 -18.84
N ASP B 369 -33.04 -14.87 -18.10
CA ASP B 369 -32.73 -13.99 -17.00
C ASP B 369 -32.19 -12.66 -17.50
N ARG B 370 -32.10 -11.69 -16.59
CA ARG B 370 -31.73 -10.33 -16.97
C ARG B 370 -30.24 -10.20 -17.29
N ASN B 371 -29.38 -10.83 -16.50
CA ASN B 371 -27.93 -10.65 -16.61
C ASN B 371 -27.24 -11.86 -17.23
N TYR B 372 -27.92 -12.60 -18.11
CA TYR B 372 -27.29 -13.73 -18.79
C TYR B 372 -26.19 -13.26 -19.72
N ASP B 373 -26.40 -12.14 -20.42
CA ASP B 373 -25.39 -11.61 -21.32
C ASP B 373 -24.12 -11.23 -20.57
N LEU B 374 -24.27 -10.64 -19.39
CA LEU B 374 -23.11 -10.32 -18.57
C LEU B 374 -22.43 -11.58 -18.05
N TYR B 375 -23.19 -12.64 -17.81
CA TYR B 375 -22.58 -13.93 -17.45
C TYR B 375 -21.75 -14.48 -18.60
N LYS B 376 -22.25 -14.37 -19.83
CA LYS B 376 -21.47 -14.82 -20.98
C LYS B 376 -20.23 -13.96 -21.17
N LEU B 377 -20.34 -12.65 -20.94
CA LEU B 377 -19.17 -11.78 -20.97
C LEU B 377 -18.16 -12.17 -19.91
N ALA B 378 -18.64 -12.53 -18.71
CA ALA B 378 -17.76 -12.99 -17.65
C ALA B 378 -17.03 -14.27 -18.05
N CYS B 379 -17.73 -15.20 -18.69
CA CYS B 379 -17.08 -16.41 -19.18
C CYS B 379 -16.04 -16.10 -20.24
N LYS B 380 -16.35 -15.15 -21.13
CA LYS B 380 -15.39 -14.72 -22.14
C LYS B 380 -14.13 -14.16 -21.51
N VAL B 381 -14.29 -13.31 -20.50
CA VAL B 381 -13.13 -12.72 -19.83
C VAL B 381 -12.36 -13.79 -19.06
N THR B 382 -13.07 -14.77 -18.49
CA THR B 382 -12.40 -15.84 -17.76
C THR B 382 -11.59 -16.72 -18.71
N ALA B 383 -12.01 -16.83 -19.96
CA ALA B 383 -11.23 -17.59 -20.94
C ALA B 383 -9.82 -17.05 -21.07
N ARG B 384 -9.68 -15.72 -21.08
CA ARG B 384 -8.39 -15.08 -21.32
C ARG B 384 -7.66 -14.72 -20.03
N ARG B 385 -8.28 -13.92 -19.17
CA ARG B 385 -7.65 -13.39 -17.97
C ARG B 385 -7.87 -14.25 -16.73
N PHE B 386 -8.53 -15.40 -16.87
CA PHE B 386 -8.81 -16.32 -15.75
C PHE B 386 -9.69 -15.68 -14.68
N PHE B 387 -10.41 -14.62 -15.03
CA PHE B 387 -11.33 -13.97 -14.12
C PHE B 387 -12.58 -13.56 -14.89
N PRO B 388 -13.75 -13.53 -14.23
CA PRO B 388 -13.98 -13.86 -12.82
C PRO B 388 -14.14 -15.34 -12.53
N ASN B 389 -13.95 -15.73 -11.27
CA ASN B 389 -14.37 -17.05 -10.82
C ASN B 389 -15.88 -17.03 -10.56
N PHE B 390 -16.45 -18.22 -10.45
CA PHE B 390 -17.90 -18.38 -10.40
C PHE B 390 -18.33 -18.96 -9.07
N LEU B 391 -19.27 -18.27 -8.42
CA LEU B 391 -19.85 -18.71 -7.15
C LEU B 391 -21.30 -19.08 -7.39
N ASN B 392 -21.69 -20.26 -6.92
CA ASN B 392 -23.02 -20.81 -7.19
C ASN B 392 -23.95 -20.45 -6.04
N LEU B 393 -24.79 -19.43 -6.26
CA LEU B 393 -25.79 -19.07 -5.27
C LEU B 393 -26.96 -20.05 -5.26
N ASP B 394 -27.08 -20.91 -6.28
CA ASP B 394 -28.13 -21.90 -6.34
C ASP B 394 -27.80 -23.17 -5.57
N ALA B 395 -26.58 -23.30 -5.07
CA ALA B 395 -26.22 -24.46 -4.26
C ALA B 395 -27.08 -24.51 -3.01
N THR B 396 -27.48 -25.71 -2.61
CA THR B 396 -28.41 -25.93 -1.52
C THR B 396 -27.92 -25.27 -0.23
N PHE B 397 -26.61 -25.25 -0.03
CA PHE B 397 -26.04 -24.66 1.18
C PHE B 397 -25.88 -23.15 1.09
N ASN B 398 -26.08 -22.57 -0.10
CA ASN B 398 -25.95 -21.12 -0.29
C ASN B 398 -27.29 -20.46 -0.58
N GLN B 399 -28.38 -21.02 -0.07
CA GLN B 399 -29.72 -20.49 -0.30
C GLN B 399 -30.25 -19.83 0.97
N ASN B 400 -30.80 -18.64 0.83
CA ASN B 400 -31.38 -17.88 1.94
C ASN B 400 -32.87 -17.69 1.68
N GLU B 401 -33.66 -17.89 2.72
CA GLU B 401 -35.12 -17.80 2.61
C GLU B 401 -35.63 -16.38 2.80
N LYS B 402 -34.75 -15.42 3.09
CA LYS B 402 -35.13 -14.02 3.20
C LYS B 402 -34.82 -13.24 1.95
N TRP B 403 -34.46 -13.91 0.87
CA TRP B 403 -34.08 -13.25 -0.39
C TRP B 403 -35.33 -12.99 -1.22
N ARG B 404 -35.63 -11.71 -1.44
CA ARG B 404 -36.74 -11.29 -2.28
C ARG B 404 -36.18 -10.61 -3.52
N ALA B 405 -36.63 -11.04 -4.70
CA ALA B 405 -36.15 -10.43 -5.94
C ALA B 405 -36.56 -8.97 -6.07
N ASP B 406 -37.64 -8.57 -5.38
CA ASP B 406 -38.09 -7.18 -5.42
C ASP B 406 -37.50 -6.34 -4.28
N ASP B 407 -36.84 -6.98 -3.32
CA ASP B 407 -36.25 -6.26 -2.21
C ASP B 407 -35.17 -5.31 -2.71
N PRO B 408 -35.21 -4.03 -2.34
CA PRO B 408 -34.16 -3.11 -2.80
C PRO B 408 -32.75 -3.57 -2.42
N GLU B 409 -32.52 -3.93 -1.17
CA GLU B 409 -31.21 -4.42 -0.78
C GLU B 409 -30.89 -5.73 -1.49
N ARG B 410 -31.55 -6.82 -1.09
CA ARG B 410 -31.50 -8.10 -1.78
C ARG B 410 -30.09 -8.70 -1.78
N TYR B 411 -29.11 -7.94 -1.30
CA TYR B 411 -27.72 -8.39 -1.31
C TYR B 411 -27.25 -8.87 0.05
N LYS B 412 -27.93 -8.46 1.12
CA LYS B 412 -27.58 -8.91 2.45
C LYS B 412 -27.78 -10.41 2.61
N TRP B 413 -28.63 -11.02 1.78
CA TRP B 413 -28.94 -12.44 1.86
C TRP B 413 -28.27 -13.26 0.78
N GLU B 414 -27.36 -12.66 0.02
CA GLU B 414 -26.58 -13.37 -0.98
C GLU B 414 -25.18 -13.65 -0.44
N ILE B 415 -24.62 -14.78 -0.83
CA ILE B 415 -23.32 -15.20 -0.34
C ILE B 415 -22.23 -14.62 -1.23
N ALA B 416 -21.13 -14.21 -0.60
CA ALA B 416 -19.96 -13.72 -1.29
C ALA B 416 -18.73 -14.42 -0.73
N THR B 417 -17.72 -14.59 -1.58
CA THR B 417 -16.49 -15.27 -1.21
C THR B 417 -15.35 -14.27 -1.15
N MET B 418 -14.44 -14.44 -0.18
CA MET B 418 -13.31 -13.53 0.01
C MET B 418 -12.25 -13.67 -1.06
N GLY B 419 -12.55 -14.36 -2.16
CA GLY B 419 -11.61 -14.50 -3.25
C GLY B 419 -10.79 -15.76 -3.20
N CYS B 420 -9.94 -15.92 -2.18
CA CYS B 420 -9.11 -17.11 -2.13
C CYS B 420 -9.96 -18.36 -1.95
N ARG B 421 -10.50 -18.56 -0.74
CA ARG B 421 -11.50 -19.61 -0.56
C ARG B 421 -12.51 -19.35 0.55
N THR B 422 -12.45 -18.22 1.25
CA THR B 422 -13.18 -18.09 2.51
C THR B 422 -14.68 -17.95 2.26
N ARG B 423 -15.46 -18.66 3.09
CA ARG B 423 -16.92 -18.64 2.99
C ARG B 423 -17.49 -18.43 4.38
N VAL B 424 -18.17 -17.29 4.59
CA VAL B 424 -18.77 -16.93 5.87
C VAL B 424 -20.22 -16.58 5.59
N PHE B 425 -21.12 -17.54 5.73
CA PHE B 425 -22.52 -17.34 5.41
C PHE B 425 -23.45 -17.59 6.60
N GLU B 426 -23.35 -18.75 7.23
CA GLU B 426 -24.27 -19.11 8.30
C GLU B 426 -23.87 -18.44 9.62
N ASP B 427 -24.83 -18.37 10.53
CA ASP B 427 -24.58 -17.82 11.86
C ASP B 427 -25.56 -18.46 12.84
N ARG B 428 -25.03 -19.08 13.89
CA ARG B 428 -25.87 -19.80 14.84
C ARG B 428 -26.59 -18.88 15.80
N TRP B 429 -26.16 -17.62 15.92
CA TRP B 429 -26.81 -16.67 16.82
C TRP B 429 -27.04 -15.33 16.13
N GLY B 430 -27.22 -15.36 14.82
CA GLY B 430 -27.48 -14.15 14.07
C GLY B 430 -28.17 -14.45 12.77
N GLU B 431 -28.11 -13.50 11.85
CA GLU B 431 -28.73 -13.63 10.54
C GLU B 431 -27.79 -14.32 9.57
N LYS B 432 -28.36 -15.08 8.64
CA LYS B 432 -27.57 -15.75 7.62
C LYS B 432 -27.16 -14.71 6.58
N THR B 433 -25.98 -14.14 6.75
CA THR B 433 -25.51 -13.05 5.90
C THR B 433 -24.00 -13.04 5.92
N SER B 434 -23.39 -12.72 4.78
CA SER B 434 -21.95 -12.55 4.68
C SER B 434 -21.50 -11.11 4.87
N ILE B 435 -22.44 -10.17 4.96
CA ILE B 435 -22.11 -8.75 4.98
C ILE B 435 -21.53 -8.39 6.35
N ALA B 436 -20.41 -7.66 6.34
CA ALA B 436 -19.81 -7.08 7.54
C ALA B 436 -19.34 -8.13 8.53
N ARG B 437 -18.95 -9.31 8.04
CA ARG B 437 -18.42 -10.35 8.91
C ARG B 437 -17.52 -11.25 8.09
N GLY B 438 -16.68 -12.01 8.79
CA GLY B 438 -15.75 -12.88 8.13
C GLY B 438 -15.04 -13.80 9.09
N ASN B 439 -13.99 -14.44 8.60
CA ASN B 439 -13.24 -15.42 9.38
C ASN B 439 -12.40 -14.72 10.45
N LEU B 440 -12.25 -15.41 11.59
CA LEU B 440 -11.39 -14.93 12.68
C LEU B 440 -9.98 -15.52 12.58
N SER B 441 -9.88 -16.84 12.53
CA SER B 441 -8.62 -17.55 12.32
C SER B 441 -8.94 -18.98 11.95
N PHE B 442 -7.95 -19.66 11.38
CA PHE B 442 -8.13 -21.07 11.01
C PHE B 442 -6.80 -21.78 11.10
N SER B 443 -6.87 -23.10 11.26
CA SER B 443 -5.69 -23.94 11.39
C SER B 443 -5.94 -25.27 10.68
N THR B 444 -4.91 -25.78 10.03
CA THR B 444 -5.00 -26.96 9.19
C THR B 444 -4.50 -28.19 9.94
N ILE B 445 -5.05 -29.35 9.55
CA ILE B 445 -4.76 -30.63 10.19
C ILE B 445 -4.05 -31.52 9.18
N ASN B 446 -2.98 -32.17 9.63
CA ASN B 446 -2.20 -33.09 8.77
C ASN B 446 -2.76 -34.50 8.95
N ILE B 447 -3.78 -34.80 8.16
CA ILE B 447 -4.38 -36.15 8.18
C ILE B 447 -3.42 -37.17 7.61
N VAL B 448 -2.47 -36.74 6.78
CA VAL B 448 -1.54 -37.65 6.14
C VAL B 448 -0.65 -38.32 7.17
N LYS B 449 -0.13 -37.54 8.13
CA LYS B 449 0.72 -38.12 9.16
C LYS B 449 -0.06 -39.06 10.06
N LEU B 450 -1.30 -38.68 10.40
CA LEU B 450 -2.14 -39.57 11.21
C LEU B 450 -2.40 -40.89 10.50
N ALA B 451 -2.59 -40.84 9.17
CA ALA B 451 -2.82 -42.07 8.42
C ALA B 451 -1.56 -42.91 8.30
N ILE B 452 -0.42 -42.29 7.99
CA ILE B 452 0.81 -43.04 7.80
C ILE B 452 1.33 -43.60 9.13
N GLU B 453 0.98 -42.98 10.26
CA GLU B 453 1.35 -43.56 11.54
C GLU B 453 0.71 -44.92 11.76
N CYS B 454 -0.43 -45.17 11.13
CA CYS B 454 -1.12 -46.47 11.21
C CYS B 454 -0.70 -47.38 10.07
N MET B 455 0.61 -47.58 9.91
CA MET B 455 1.13 -48.33 8.78
C MET B 455 1.18 -49.83 9.00
N GLY B 456 1.39 -50.28 10.24
CA GLY B 456 1.62 -51.68 10.51
C GLY B 456 0.38 -52.48 10.84
N ILE B 457 -0.76 -51.82 11.03
CA ILE B 457 -2.00 -52.50 11.35
C ILE B 457 -2.55 -53.17 10.10
N GLU B 458 -2.32 -54.48 9.97
CA GLU B 458 -2.68 -55.19 8.75
C GLU B 458 -4.18 -55.29 8.54
N ASN B 459 -4.98 -55.11 9.59
CA ASN B 459 -6.44 -55.17 9.47
C ASN B 459 -6.96 -53.79 9.12
N GLU B 460 -7.73 -53.69 8.04
CA GLU B 460 -8.19 -52.39 7.56
C GLU B 460 -9.17 -51.75 8.52
N LYS B 461 -10.06 -52.55 9.12
CA LYS B 461 -11.05 -51.98 10.03
C LYS B 461 -10.38 -51.36 11.25
N GLN B 462 -9.43 -52.07 11.86
CA GLN B 462 -8.70 -51.53 12.99
C GLN B 462 -7.86 -50.32 12.56
N ARG B 463 -7.29 -50.36 11.36
CA ARG B 463 -6.52 -49.24 10.86
C ARG B 463 -7.38 -47.99 10.75
N ILE B 464 -8.58 -48.12 10.20
CA ILE B 464 -9.47 -46.98 10.04
C ILE B 464 -9.97 -46.48 11.38
N ASP B 465 -10.25 -47.40 12.31
CA ASP B 465 -10.67 -47.00 13.65
C ASP B 465 -9.57 -46.21 14.36
N MET B 466 -8.32 -46.68 14.25
CA MET B 466 -7.20 -45.95 14.84
C MET B 466 -7.02 -44.58 14.18
N PHE B 467 -7.14 -44.54 12.84
CA PHE B 467 -7.04 -43.27 12.13
C PHE B 467 -8.09 -42.29 12.60
N PHE B 468 -9.32 -42.76 12.81
CA PHE B 468 -10.38 -41.87 13.25
C PHE B 468 -10.20 -41.44 14.70
N ALA B 469 -9.65 -42.30 15.55
CA ALA B 469 -9.34 -41.88 16.92
C ALA B 469 -8.30 -40.77 16.92
N LYS B 470 -7.25 -40.93 16.12
CA LYS B 470 -6.24 -39.88 15.99
C LYS B 470 -6.85 -38.60 15.44
N LEU B 471 -7.73 -38.74 14.44
CA LEU B 471 -8.38 -37.57 13.85
C LEU B 471 -9.24 -36.84 14.88
N ASP B 472 -9.96 -37.59 15.72
CA ASP B 472 -10.78 -36.97 16.75
C ASP B 472 -9.92 -36.23 17.77
N ASN B 473 -8.80 -36.84 18.20
CA ASN B 473 -7.93 -36.17 19.14
C ASN B 473 -7.38 -34.87 18.55
N ILE B 474 -6.91 -34.93 17.31
CA ILE B 474 -6.33 -33.75 16.68
C ILE B 474 -7.40 -32.69 16.43
N LEU B 475 -8.63 -33.09 16.12
CA LEU B 475 -9.72 -32.13 15.96
C LEU B 475 -10.02 -31.42 17.26
N ASP B 476 -10.02 -32.15 18.38
CA ASP B 476 -10.19 -31.50 19.68
C ASP B 476 -9.05 -30.51 19.94
N ILE B 477 -7.82 -30.89 19.60
CA ILE B 477 -6.69 -29.98 19.77
C ILE B 477 -6.89 -28.71 18.95
N THR B 478 -7.32 -28.86 17.70
CA THR B 478 -7.51 -27.71 16.81
C THR B 478 -8.62 -26.80 17.31
N ALA B 479 -9.71 -27.38 17.80
CA ALA B 479 -10.78 -26.57 18.37
C ALA B 479 -10.30 -25.80 19.58
N LYS B 480 -9.51 -26.45 20.44
CA LYS B 480 -8.92 -25.75 21.58
C LYS B 480 -8.06 -24.59 21.13
N GLN B 481 -7.25 -24.79 20.09
CA GLN B 481 -6.39 -23.72 19.60
C GLN B 481 -7.21 -22.56 19.06
N LEU B 482 -8.28 -22.85 18.30
CA LEU B 482 -9.12 -21.79 17.75
C LEU B 482 -9.82 -21.02 18.86
N ASP B 483 -10.32 -21.71 19.89
CA ASP B 483 -10.95 -21.02 21.01
C ASP B 483 -9.94 -20.18 21.78
N GLU B 484 -8.70 -20.66 21.94
CA GLU B 484 -7.67 -19.87 22.59
C GLU B 484 -7.40 -18.59 21.83
N ARG B 485 -7.27 -18.70 20.50
CA ARG B 485 -7.03 -17.51 19.70
C ARG B 485 -8.22 -16.56 19.77
N PHE B 486 -9.43 -17.10 19.82
CA PHE B 486 -10.63 -16.26 19.96
C PHE B 486 -10.60 -15.50 21.28
N GLN B 487 -10.24 -16.18 22.38
CA GLN B 487 -10.19 -15.52 23.67
C GLN B 487 -9.10 -14.46 23.70
N PHE B 488 -8.00 -14.68 22.96
CA PHE B 488 -6.97 -13.64 22.86
C PHE B 488 -7.46 -12.45 22.04
N GLN B 489 -8.20 -12.72 20.95
CA GLN B 489 -8.68 -11.65 20.08
C GLN B 489 -9.79 -10.82 20.73
N LYS B 490 -10.55 -11.43 21.64
CA LYS B 490 -11.66 -10.71 22.27
C LYS B 490 -11.18 -9.45 22.98
N THR B 491 -10.04 -9.52 23.64
CA THR B 491 -9.57 -8.41 24.46
C THR B 491 -9.13 -7.20 23.64
N ALA B 492 -9.05 -7.34 22.31
CA ALA B 492 -8.68 -6.21 21.46
C ALA B 492 -9.70 -5.08 21.61
N MET B 493 -9.19 -3.86 21.76
CA MET B 493 -10.05 -2.70 21.83
C MET B 493 -10.43 -2.23 20.43
N ALA B 494 -11.51 -1.44 20.35
CA ALA B 494 -12.01 -0.99 19.07
C ALA B 494 -11.03 -0.07 18.35
N LYS B 495 -10.13 0.59 19.08
CA LYS B 495 -9.18 1.51 18.47
C LYS B 495 -8.00 0.80 17.82
N GLN B 496 -7.85 -0.51 18.02
CA GLN B 496 -6.81 -1.24 17.31
C GLN B 496 -7.13 -1.35 15.82
N PHE B 497 -8.41 -1.49 15.47
CA PHE B 497 -8.86 -1.46 14.08
C PHE B 497 -9.81 -0.28 13.92
N PRO B 498 -9.33 0.88 13.47
CA PRO B 498 -10.19 2.07 13.43
C PRO B 498 -11.34 1.95 12.45
N LEU B 499 -11.04 1.63 11.19
CA LEU B 499 -12.10 1.54 10.18
C LEU B 499 -12.94 0.28 10.34
N LEU B 500 -12.30 -0.85 10.66
CA LEU B 500 -13.02 -2.12 10.73
C LEU B 500 -14.08 -2.10 11.82
N MET B 501 -13.76 -1.57 12.99
CA MET B 501 -14.64 -1.61 14.15
C MET B 501 -15.41 -0.32 14.35
N LYS B 502 -15.60 0.46 13.29
CA LYS B 502 -16.45 1.64 13.37
C LYS B 502 -17.44 1.65 12.21
N TYR B 503 -17.08 1.03 11.10
CA TYR B 503 -17.92 1.02 9.90
C TYR B 503 -18.08 -0.34 9.24
N LEU B 504 -17.17 -1.28 9.46
CA LEU B 504 -17.07 -2.47 8.62
C LEU B 504 -17.56 -3.74 9.27
N TRP B 505 -17.74 -3.78 10.58
CA TRP B 505 -18.17 -5.00 11.27
C TRP B 505 -19.61 -4.85 11.74
N VAL B 506 -20.32 -5.97 11.79
CA VAL B 506 -21.72 -5.99 12.21
C VAL B 506 -21.83 -5.50 13.64
N GLY B 507 -22.58 -4.43 13.85
CA GLY B 507 -22.77 -3.88 15.17
C GLY B 507 -21.62 -3.09 15.72
N ALA B 508 -20.59 -2.81 14.90
CA ALA B 508 -19.43 -2.07 15.35
C ALA B 508 -19.69 -0.58 15.47
N GLU B 509 -20.83 -0.08 14.99
CA GLU B 509 -21.15 1.33 15.12
C GLU B 509 -21.54 1.70 16.55
N ASN B 510 -22.10 0.76 17.31
CA ASN B 510 -22.49 1.00 18.69
C ASN B 510 -21.38 0.61 19.66
N LEU B 511 -20.19 1.15 19.43
CA LEU B 511 -19.04 0.88 20.28
C LEU B 511 -18.27 2.17 20.53
N LYS B 512 -17.69 2.27 21.73
CA LYS B 512 -16.77 3.34 22.04
C LYS B 512 -15.37 2.95 21.57
N PRO B 513 -14.50 3.94 21.31
CA PRO B 513 -13.14 3.60 20.87
C PRO B 513 -12.38 2.73 21.86
N GLU B 514 -12.64 2.87 23.15
CA GLU B 514 -11.90 2.14 24.18
C GLU B 514 -12.51 0.78 24.53
N GLU B 515 -13.79 0.57 24.25
CA GLU B 515 -14.42 -0.70 24.58
C GLU B 515 -13.87 -1.81 23.70
N THR B 516 -13.90 -3.04 24.23
CA THR B 516 -13.40 -4.20 23.52
C THR B 516 -14.43 -4.67 22.49
N ILE B 517 -14.06 -5.71 21.74
CA ILE B 517 -14.86 -6.16 20.61
C ILE B 517 -15.56 -7.47 20.94
N GLU B 518 -15.81 -7.71 22.23
CA GLU B 518 -16.44 -8.96 22.65
C GLU B 518 -17.87 -9.06 22.12
N SER B 519 -18.61 -7.95 22.13
CA SER B 519 -20.01 -7.96 21.73
C SER B 519 -20.21 -8.19 20.23
N VAL B 520 -19.15 -8.13 19.43
CA VAL B 520 -19.30 -8.26 17.98
C VAL B 520 -18.39 -9.33 17.37
N ILE B 521 -17.38 -9.83 18.09
CA ILE B 521 -16.45 -10.78 17.48
C ILE B 521 -17.10 -12.13 17.25
N ASN B 522 -18.14 -12.47 18.02
CA ASN B 522 -18.74 -13.80 17.94
C ASN B 522 -19.44 -14.06 16.61
N HIS B 523 -19.66 -13.03 15.80
CA HIS B 523 -20.25 -13.21 14.48
C HIS B 523 -19.25 -13.75 13.47
N GLY B 524 -17.97 -13.86 13.82
CA GLY B 524 -16.99 -14.45 12.95
C GLY B 524 -17.01 -15.96 12.97
N THR B 525 -16.18 -16.54 12.12
CA THR B 525 -16.10 -17.99 11.96
C THR B 525 -14.71 -18.49 12.28
N LEU B 526 -14.64 -19.72 12.77
CA LEU B 526 -13.39 -20.40 13.07
C LEU B 526 -13.25 -21.60 12.15
N GLY B 527 -12.15 -21.67 11.42
CA GLY B 527 -11.95 -22.67 10.38
C GLY B 527 -11.04 -23.79 10.84
N ILE B 528 -11.42 -25.02 10.49
CA ILE B 528 -10.61 -26.21 10.73
C ILE B 528 -10.30 -26.81 9.37
N GLY B 529 -9.01 -27.00 9.08
CA GLY B 529 -8.56 -27.38 7.76
C GLY B 529 -7.95 -28.78 7.71
N PHE B 530 -7.64 -29.21 6.50
CA PHE B 530 -7.00 -30.49 6.26
C PHE B 530 -6.25 -30.40 4.93
N ILE B 531 -5.34 -31.35 4.72
CA ILE B 531 -4.50 -31.34 3.52
C ILE B 531 -4.12 -32.77 3.19
N GLY B 532 -3.91 -33.03 1.90
CA GLY B 532 -3.45 -34.32 1.43
C GLY B 532 -4.42 -35.46 1.60
N LEU B 533 -5.72 -35.22 1.35
CA LEU B 533 -6.68 -36.32 1.39
C LEU B 533 -6.37 -37.38 0.35
N ALA B 534 -5.99 -36.95 -0.85
CA ALA B 534 -5.58 -37.89 -1.89
C ALA B 534 -4.35 -38.69 -1.44
N GLU B 535 -3.42 -38.02 -0.75
CA GLU B 535 -2.24 -38.67 -0.20
C GLU B 535 -2.48 -39.18 1.22
N CYS B 536 -3.74 -39.27 1.64
CA CYS B 536 -4.14 -39.92 2.88
C CYS B 536 -4.93 -41.20 2.66
N LEU B 537 -5.58 -41.34 1.49
CA LEU B 537 -6.33 -42.54 1.12
C LEU B 537 -5.48 -43.50 0.29
N VAL B 538 -4.18 -43.60 0.58
CA VAL B 538 -3.22 -44.27 -0.28
C VAL B 538 -2.62 -45.45 0.48
N ALA B 539 -1.53 -46.01 -0.04
CA ALA B 539 -1.03 -47.34 0.29
C ALA B 539 -1.13 -47.70 1.77
N LEU B 540 -1.08 -46.71 2.66
CA LEU B 540 -1.43 -46.96 4.05
C LEU B 540 -2.84 -47.54 4.15
N ILE B 541 -3.80 -46.96 3.42
CA ILE B 541 -5.18 -47.41 3.49
C ILE B 541 -5.77 -47.70 2.11
N GLY B 542 -4.92 -47.97 1.11
CA GLY B 542 -5.38 -48.43 -0.19
C GLY B 542 -4.82 -47.56 -1.32
N LYS B 543 -5.72 -47.08 -2.17
CA LYS B 543 -5.37 -46.22 -3.30
C LYS B 543 -6.35 -45.04 -3.34
N HIS B 544 -5.91 -43.94 -3.94
CA HIS B 544 -6.57 -42.66 -3.73
C HIS B 544 -7.94 -42.62 -4.37
N HIS B 545 -8.74 -41.63 -3.95
CA HIS B 545 -10.15 -41.53 -4.29
C HIS B 545 -10.38 -41.18 -5.76
N GLY B 546 -9.34 -40.79 -6.50
CA GLY B 546 -9.51 -40.56 -7.91
C GLY B 546 -9.60 -41.81 -8.76
N GLU B 547 -9.34 -42.98 -8.17
CA GLU B 547 -9.35 -44.22 -8.92
C GLU B 547 -10.03 -45.37 -8.19
N SER B 548 -10.85 -45.10 -7.18
CA SER B 548 -11.50 -46.17 -6.45
C SER B 548 -12.79 -45.64 -5.83
N GLU B 549 -13.78 -46.53 -5.68
CA GLU B 549 -15.08 -46.13 -5.16
C GLU B 549 -15.11 -46.17 -3.64
N LYS B 550 -14.67 -47.28 -3.05
CA LYS B 550 -14.61 -47.35 -1.59
C LYS B 550 -13.62 -46.34 -1.03
N ALA B 551 -12.60 -45.96 -1.81
CA ALA B 551 -11.73 -44.86 -1.41
C ALA B 551 -12.50 -43.56 -1.35
N GLN B 552 -13.39 -43.32 -2.33
CA GLN B 552 -14.23 -42.15 -2.28
C GLN B 552 -15.16 -42.16 -1.07
N GLU B 553 -15.73 -43.33 -0.75
CA GLU B 553 -16.58 -43.44 0.43
C GLU B 553 -15.80 -43.18 1.70
N LEU B 554 -14.55 -43.68 1.77
CA LEU B 554 -13.71 -43.44 2.93
C LEU B 554 -13.39 -41.95 3.09
N GLY B 555 -13.05 -41.28 1.99
CA GLY B 555 -12.81 -39.85 2.06
C GLY B 555 -14.04 -39.08 2.48
N LEU B 556 -15.20 -39.46 1.93
CA LEU B 556 -16.45 -38.79 2.28
C LEU B 556 -16.76 -38.96 3.76
N LYS B 557 -16.58 -40.17 4.30
CA LYS B 557 -16.89 -40.38 5.71
C LYS B 557 -15.87 -39.66 6.61
N ILE B 558 -14.62 -39.55 6.16
CA ILE B 558 -13.64 -38.77 6.92
C ILE B 558 -14.07 -37.31 7.01
N ILE B 559 -14.40 -36.72 5.86
CA ILE B 559 -14.79 -35.31 5.85
C ILE B 559 -16.10 -35.10 6.60
N THR B 560 -17.02 -36.06 6.51
CA THR B 560 -18.28 -35.95 7.24
C THR B 560 -18.04 -36.02 8.74
N TYR B 561 -17.14 -36.89 9.18
CA TYR B 561 -16.79 -36.95 10.60
C TYR B 561 -16.20 -35.63 11.05
N MET B 562 -15.32 -35.03 10.24
CA MET B 562 -14.76 -33.73 10.59
C MET B 562 -15.86 -32.67 10.69
N ARG B 563 -16.82 -32.70 9.75
CA ARG B 563 -17.90 -31.71 9.77
C ARG B 563 -18.78 -31.86 11.00
N ASP B 564 -19.13 -33.10 11.35
CA ASP B 564 -19.95 -33.34 12.53
C ASP B 564 -19.20 -32.93 13.80
N ARG B 565 -17.89 -33.21 13.84
CA ARG B 565 -17.09 -32.77 14.98
C ARG B 565 -17.05 -31.25 15.07
N ALA B 566 -16.98 -30.57 13.92
CA ALA B 566 -17.02 -29.11 13.92
C ALA B 566 -18.36 -28.59 14.43
N ASN B 567 -19.46 -29.25 14.05
CA ASN B 567 -20.77 -28.86 14.58
C ASN B 567 -20.84 -29.04 16.09
N GLU B 568 -20.30 -30.16 16.59
CA GLU B 568 -20.26 -30.38 18.03
C GLU B 568 -19.43 -29.30 18.72
N PHE B 569 -18.31 -28.93 18.13
CA PHE B 569 -17.48 -27.87 18.70
C PHE B 569 -18.22 -26.53 18.68
N SER B 570 -18.98 -26.26 17.63
CA SER B 570 -19.77 -25.03 17.58
C SER B 570 -20.79 -25.00 18.71
N GLU B 571 -21.47 -26.12 18.94
CA GLU B 571 -22.44 -26.17 20.03
C GLU B 571 -21.79 -26.15 21.40
N GLN B 572 -20.53 -26.59 21.50
CA GLN B 572 -19.85 -26.67 22.79
C GLN B 572 -19.20 -25.35 23.17
N TYR B 573 -18.36 -24.81 22.30
CA TYR B 573 -17.59 -23.60 22.58
C TYR B 573 -18.36 -22.32 22.32
N HIS B 574 -19.62 -22.41 21.88
CA HIS B 574 -20.46 -21.23 21.63
C HIS B 574 -19.87 -20.34 20.53
N HIS B 575 -19.30 -20.96 19.49
CA HIS B 575 -18.75 -20.23 18.37
C HIS B 575 -19.33 -20.74 17.06
N ASN B 576 -18.76 -20.30 15.93
CA ASN B 576 -19.17 -20.74 14.60
C ASN B 576 -17.97 -21.45 13.95
N TYR B 577 -17.88 -22.76 14.16
CA TYR B 577 -16.82 -23.56 13.57
C TYR B 577 -17.26 -24.10 12.22
N SER B 578 -16.31 -24.19 11.30
CA SER B 578 -16.59 -24.69 9.96
C SER B 578 -15.36 -25.37 9.41
N ILE B 579 -15.58 -26.40 8.60
CA ILE B 579 -14.50 -27.12 7.94
C ILE B 579 -14.16 -26.39 6.65
N LEU B 580 -12.88 -26.09 6.48
CA LEU B 580 -12.39 -25.29 5.36
C LEU B 580 -11.38 -26.08 4.55
N ALA B 581 -11.60 -26.14 3.24
CA ALA B 581 -10.62 -26.73 2.33
C ALA B 581 -9.47 -25.74 2.21
N THR B 582 -8.52 -25.87 3.14
CA THR B 582 -7.49 -24.86 3.30
C THR B 582 -6.62 -24.76 2.05
N PRO B 583 -6.39 -23.55 1.55
CA PRO B 583 -5.45 -23.39 0.43
C PRO B 583 -4.04 -23.83 0.83
N ALA B 584 -3.31 -24.33 -0.15
CA ALA B 584 -1.98 -24.92 0.08
C ALA B 584 -0.94 -24.13 -0.71
N GLU B 585 -0.41 -23.08 -0.09
CA GLU B 585 0.70 -22.33 -0.67
C GLU B 585 1.97 -22.45 0.16
N GLY B 586 1.94 -22.03 1.44
CA GLY B 586 3.08 -22.19 2.30
C GLY B 586 3.08 -23.54 2.98
N LEU B 587 1.90 -24.15 3.04
CA LEU B 587 1.72 -25.48 3.60
C LEU B 587 1.77 -26.57 2.54
N SER B 588 1.97 -26.20 1.27
CA SER B 588 2.07 -27.18 0.21
C SER B 588 3.15 -28.18 0.55
N GLY B 589 4.42 -27.75 0.61
CA GLY B 589 5.39 -28.55 1.30
C GLY B 589 5.84 -27.93 2.60
N LYS B 590 5.21 -28.32 3.69
CA LYS B 590 5.70 -28.16 5.04
C LYS B 590 5.52 -29.42 5.86
N PHE B 591 4.40 -30.13 5.68
CA PHE B 591 4.19 -31.41 6.34
C PHE B 591 5.00 -32.51 5.66
N THR B 592 5.05 -32.49 4.33
CA THR B 592 5.74 -33.56 3.61
C THR B 592 7.24 -33.55 3.87
N LYS B 593 7.81 -32.38 4.14
CA LYS B 593 9.24 -32.31 4.47
C LYS B 593 9.52 -33.07 5.77
N LYS B 594 8.76 -32.76 6.82
CA LYS B 594 8.97 -33.44 8.09
C LYS B 594 8.58 -34.91 8.03
N ASP B 595 7.61 -35.26 7.18
CA ASP B 595 7.24 -36.67 7.04
C ASP B 595 8.32 -37.46 6.31
N ARG B 596 8.94 -36.85 5.29
CA ARG B 596 10.10 -37.47 4.66
C ARG B 596 11.25 -37.62 5.64
N LYS B 597 11.48 -36.59 6.47
CA LYS B 597 12.54 -36.66 7.46
C LYS B 597 12.29 -37.78 8.46
N GLN B 598 11.03 -37.94 8.90
CA GLN B 598 10.71 -38.95 9.92
C GLN B 598 10.47 -40.32 9.30
N PHE B 599 9.45 -40.42 8.45
CA PHE B 599 9.05 -41.72 7.91
C PHE B 599 9.80 -42.09 6.64
N GLY B 600 10.02 -41.14 5.74
CA GLY B 600 10.75 -41.39 4.52
C GLY B 600 9.87 -41.16 3.30
N VAL B 601 10.19 -41.89 2.23
CA VAL B 601 9.52 -41.77 0.95
C VAL B 601 8.67 -43.02 0.76
N ILE B 602 7.36 -42.87 0.92
CA ILE B 602 6.40 -43.94 0.69
C ILE B 602 5.73 -43.70 -0.65
N PRO B 603 5.79 -44.65 -1.59
CA PRO B 603 5.23 -44.42 -2.93
C PRO B 603 3.75 -44.04 -2.91
N GLY B 604 3.44 -42.85 -3.41
CA GLY B 604 2.09 -42.37 -3.53
C GLY B 604 1.65 -41.37 -2.47
N VAL B 605 2.39 -41.26 -1.36
CA VAL B 605 2.03 -40.37 -0.27
C VAL B 605 3.15 -39.37 0.04
N THR B 606 4.40 -39.84 0.10
CA THR B 606 5.52 -38.95 0.38
C THR B 606 6.62 -39.04 -0.68
N ASP B 607 6.28 -39.45 -1.89
CA ASP B 607 7.24 -39.50 -2.99
C ASP B 607 7.29 -38.21 -3.79
N ARG B 608 6.49 -37.22 -3.40
CA ARG B 608 6.47 -35.91 -4.06
C ARG B 608 6.66 -34.82 -3.02
N ASP B 609 7.23 -33.71 -3.45
CA ASP B 609 7.59 -32.61 -2.56
C ASP B 609 6.39 -31.83 -2.04
N TYR B 610 5.17 -32.31 -2.26
CA TYR B 610 3.97 -31.55 -1.90
C TYR B 610 2.86 -32.52 -1.52
N TYR B 611 1.84 -31.98 -0.87
CA TYR B 611 0.61 -32.69 -0.58
C TYR B 611 -0.48 -32.20 -1.51
N THR B 612 -1.21 -33.13 -2.11
CA THR B 612 -2.35 -32.77 -2.95
C THR B 612 -3.34 -31.95 -2.15
N ASN B 613 -3.86 -30.89 -2.76
CA ASN B 613 -4.75 -29.96 -2.07
C ASN B 613 -5.95 -30.67 -1.47
N SER B 614 -6.55 -30.07 -0.45
CA SER B 614 -7.62 -30.71 0.31
C SER B 614 -8.78 -31.13 -0.59
N ASN B 615 -9.24 -32.37 -0.38
CA ASN B 615 -10.34 -33.00 -1.11
C ASN B 615 -10.29 -32.73 -2.62
N HIS B 616 -9.09 -32.71 -3.18
CA HIS B 616 -8.90 -32.58 -4.61
C HIS B 616 -8.29 -33.86 -5.17
N VAL B 617 -8.73 -34.25 -6.36
CA VAL B 617 -8.12 -35.39 -7.04
C VAL B 617 -6.69 -34.98 -7.38
N PRO B 618 -5.75 -35.92 -7.46
CA PRO B 618 -4.35 -35.55 -7.70
C PRO B 618 -4.18 -34.75 -8.99
N VAL B 619 -3.33 -33.71 -8.91
CA VAL B 619 -2.95 -32.97 -10.11
C VAL B 619 -2.05 -33.78 -11.02
N TYR B 620 -1.55 -34.92 -10.54
CA TYR B 620 -0.73 -35.82 -11.32
C TYR B 620 -1.53 -37.02 -11.84
N TYR B 621 -2.85 -36.98 -11.73
CA TYR B 621 -3.73 -38.06 -12.16
C TYR B 621 -4.49 -37.63 -13.41
N LYS B 622 -4.47 -38.49 -14.43
CA LYS B 622 -5.12 -38.20 -15.71
C LYS B 622 -6.61 -38.49 -15.58
N CYS B 623 -7.38 -37.44 -15.29
CA CYS B 623 -8.82 -37.55 -15.14
C CYS B 623 -9.50 -36.46 -15.95
N THR B 624 -10.72 -36.76 -16.40
CA THR B 624 -11.53 -35.78 -17.11
C THR B 624 -12.11 -34.77 -16.13
N ALA B 625 -12.52 -33.61 -16.66
CA ALA B 625 -13.11 -32.58 -15.82
C ALA B 625 -14.42 -33.07 -15.20
N LEU B 626 -15.22 -33.80 -15.97
CA LEU B 626 -16.48 -34.31 -15.44
C LEU B 626 -16.26 -35.30 -14.30
N LYS B 627 -15.29 -36.20 -14.45
CA LYS B 627 -15.01 -37.16 -13.37
C LYS B 627 -14.48 -36.46 -12.13
N LYS B 628 -13.61 -35.46 -12.32
CA LYS B 628 -13.12 -34.67 -11.19
C LYS B 628 -14.26 -33.97 -10.49
N ALA B 629 -15.19 -33.39 -11.25
CA ALA B 629 -16.35 -32.73 -10.67
C ALA B 629 -17.20 -33.70 -9.88
N GLN B 630 -17.46 -34.89 -10.45
CA GLN B 630 -18.27 -35.87 -9.76
C GLN B 630 -17.62 -36.32 -8.46
N ILE B 631 -16.30 -36.47 -8.46
CA ILE B 631 -15.59 -36.93 -7.26
C ILE B 631 -15.60 -35.83 -6.20
N GLU B 632 -15.30 -34.60 -6.59
CA GLU B 632 -15.11 -33.53 -5.61
C GLU B 632 -16.39 -32.79 -5.24
N ALA B 633 -17.51 -33.08 -5.89
CA ALA B 633 -18.75 -32.37 -5.59
C ALA B 633 -19.25 -32.56 -4.16
N PRO B 634 -19.39 -33.77 -3.63
CA PRO B 634 -19.99 -33.91 -2.29
C PRO B 634 -19.19 -33.25 -1.18
N TYR B 635 -17.90 -33.00 -1.40
CA TYR B 635 -17.09 -32.40 -0.34
C TYR B 635 -17.48 -30.94 -0.08
N HIS B 636 -18.01 -30.25 -1.10
CA HIS B 636 -18.30 -28.84 -0.95
C HIS B 636 -19.41 -28.60 0.08
N ASP B 637 -20.42 -29.46 0.10
CA ASP B 637 -21.47 -29.32 1.10
C ASP B 637 -20.95 -29.54 2.52
N LEU B 638 -19.91 -30.36 2.69
CA LEU B 638 -19.32 -30.61 3.99
C LEU B 638 -18.38 -29.49 4.41
N THR B 639 -17.51 -29.06 3.50
CA THR B 639 -16.54 -28.00 3.78
C THR B 639 -17.20 -26.65 3.54
N ARG B 640 -17.99 -26.23 4.54
CA ARG B 640 -18.72 -24.97 4.43
C ARG B 640 -17.91 -23.77 4.88
N GLY B 641 -16.70 -23.97 5.41
CA GLY B 641 -15.80 -22.87 5.65
C GLY B 641 -15.08 -22.38 4.44
N GLY B 642 -15.22 -23.07 3.31
CA GLY B 642 -14.56 -22.69 2.08
C GLY B 642 -14.18 -23.88 1.22
N HIS B 643 -14.33 -23.74 -0.09
CA HIS B 643 -14.02 -24.81 -1.03
C HIS B 643 -13.81 -24.19 -2.40
N ILE B 644 -13.18 -24.96 -3.28
CA ILE B 644 -12.98 -24.52 -4.66
C ILE B 644 -12.84 -25.76 -5.54
N PHE B 645 -13.36 -25.65 -6.75
CA PHE B 645 -13.24 -26.69 -7.77
C PHE B 645 -12.33 -26.16 -8.87
N TYR B 646 -11.10 -26.65 -8.91
CA TYR B 646 -10.13 -26.19 -9.88
C TYR B 646 -10.17 -27.05 -11.14
N VAL B 647 -10.13 -26.39 -12.29
CA VAL B 647 -10.06 -27.10 -13.57
C VAL B 647 -8.88 -26.57 -14.36
N GLU B 648 -7.81 -27.36 -14.45
CA GLU B 648 -6.72 -27.02 -15.34
C GLU B 648 -7.12 -27.28 -16.78
N ILE B 649 -6.87 -26.30 -17.64
CA ILE B 649 -7.30 -26.37 -19.03
C ILE B 649 -6.12 -26.04 -19.94
N ASP B 650 -6.07 -26.70 -21.09
CA ASP B 650 -4.97 -26.55 -22.02
C ASP B 650 -5.06 -25.20 -22.73
N GLY B 651 -3.94 -24.83 -23.38
CA GLY B 651 -3.91 -23.56 -24.09
C GLY B 651 -4.84 -23.52 -25.28
N ASP B 652 -5.01 -24.67 -25.96
CA ASP B 652 -5.92 -24.72 -27.10
C ASP B 652 -7.35 -24.45 -26.68
N ALA B 653 -7.77 -25.02 -25.54
CA ALA B 653 -9.11 -24.80 -25.01
C ALA B 653 -9.22 -23.50 -24.22
N THR B 654 -8.11 -22.78 -24.04
CA THR B 654 -8.17 -21.48 -23.38
C THR B 654 -9.01 -20.48 -24.16
N HIS B 655 -8.84 -20.46 -25.48
CA HIS B 655 -9.54 -19.49 -26.32
C HIS B 655 -11.04 -19.70 -26.28
N ASN B 656 -11.49 -20.94 -26.33
CA ASN B 656 -12.92 -21.24 -26.45
C ASN B 656 -13.64 -20.89 -25.14
N PRO B 657 -14.68 -20.07 -25.18
CA PRO B 657 -15.39 -19.72 -23.94
C PRO B 657 -16.45 -20.72 -23.51
N SER B 658 -16.77 -21.71 -24.35
CA SER B 658 -17.81 -22.67 -23.99
C SER B 658 -17.34 -23.69 -22.96
N VAL B 659 -16.04 -23.92 -22.84
CA VAL B 659 -15.54 -24.87 -21.85
C VAL B 659 -15.78 -24.35 -20.44
N ILE B 660 -15.64 -23.05 -20.25
CA ILE B 660 -15.92 -22.46 -18.94
C ILE B 660 -17.40 -22.54 -18.62
N GLU B 661 -18.26 -22.35 -19.63
CA GLU B 661 -19.68 -22.56 -19.43
C GLU B 661 -19.98 -24.00 -19.06
N SER B 662 -19.24 -24.95 -19.66
CA SER B 662 -19.39 -26.35 -19.29
C SER B 662 -18.99 -26.59 -17.84
N VAL B 663 -17.91 -25.95 -17.40
CA VAL B 663 -17.47 -26.08 -16.01
C VAL B 663 -18.54 -25.51 -15.06
N VAL B 664 -19.10 -24.36 -15.41
CA VAL B 664 -20.15 -23.78 -14.58
C VAL B 664 -21.39 -24.67 -14.56
N ASP B 665 -21.71 -25.29 -15.70
CA ASP B 665 -22.85 -26.19 -15.75
C ASP B 665 -22.64 -27.43 -14.88
N MET B 666 -21.43 -27.99 -14.90
CA MET B 666 -21.17 -29.17 -14.07
C MET B 666 -21.09 -28.78 -12.59
N MET B 667 -20.72 -27.54 -12.29
CA MET B 667 -20.86 -27.05 -10.92
C MET B 667 -22.33 -26.97 -10.52
N ASP B 668 -23.17 -26.46 -11.42
CA ASP B 668 -24.59 -26.34 -11.12
C ASP B 668 -25.24 -27.70 -10.91
N LYS B 669 -24.87 -28.68 -11.75
CA LYS B 669 -25.47 -30.01 -11.64
C LYS B 669 -25.05 -30.69 -10.35
N TYR B 670 -23.75 -30.73 -10.07
CA TYR B 670 -23.25 -31.47 -8.91
C TYR B 670 -23.06 -30.57 -7.68
N ASN B 671 -24.06 -29.73 -7.40
CA ASN B 671 -24.18 -28.99 -6.14
C ASN B 671 -22.84 -28.47 -5.62
N MET B 672 -22.07 -27.85 -6.51
CA MET B 672 -20.77 -27.29 -6.16
C MET B 672 -20.90 -25.77 -5.97
N GLY B 673 -20.17 -25.25 -4.99
CA GLY B 673 -20.29 -23.85 -4.63
C GLY B 673 -19.37 -22.89 -5.35
N TYR B 674 -18.07 -23.18 -5.35
CA TYR B 674 -17.07 -22.26 -5.88
C TYR B 674 -16.14 -23.02 -6.82
N GLY B 675 -15.77 -22.36 -7.93
CA GLY B 675 -14.92 -22.99 -8.92
C GLY B 675 -14.05 -21.98 -9.62
N SER B 676 -13.05 -22.50 -10.34
CA SER B 676 -12.08 -21.67 -11.04
C SER B 676 -11.39 -22.50 -12.12
N VAL B 677 -11.20 -21.90 -13.29
CA VAL B 677 -10.49 -22.51 -14.40
C VAL B 677 -9.12 -21.87 -14.49
N ASN B 678 -8.09 -22.70 -14.63
CA ASN B 678 -6.71 -22.24 -14.62
C ASN B 678 -6.00 -22.68 -15.90
N HIS B 679 -4.89 -21.99 -16.18
CA HIS B 679 -4.06 -22.19 -17.36
C HIS B 679 -2.80 -21.36 -17.16
N ASN B 680 -1.72 -21.78 -17.80
CA ASN B 680 -0.43 -21.13 -17.65
C ASN B 680 -0.24 -20.11 -18.76
N ARG B 681 0.12 -18.88 -18.40
CA ARG B 681 0.34 -17.82 -19.37
C ARG B 681 1.81 -17.45 -19.42
N ASN B 682 2.37 -17.43 -20.62
CA ASN B 682 3.78 -17.09 -20.82
C ASN B 682 3.88 -15.58 -21.03
N ARG B 683 4.46 -14.88 -20.05
CA ARG B 683 4.53 -13.43 -20.06
C ARG B 683 5.98 -12.95 -20.15
N CYS B 684 6.19 -11.94 -20.99
CA CYS B 684 7.48 -11.26 -21.06
C CYS B 684 7.58 -10.26 -19.92
N LEU B 685 8.61 -10.41 -19.08
CA LEU B 685 8.77 -9.50 -17.95
C LEU B 685 9.02 -8.08 -18.43
N ASP B 686 9.83 -7.91 -19.47
CA ASP B 686 10.12 -6.58 -19.99
C ASP B 686 8.88 -5.95 -20.63
N CYS B 687 8.11 -6.75 -21.38
CA CYS B 687 6.96 -6.24 -22.13
C CYS B 687 5.65 -6.43 -21.39
N GLY B 688 5.35 -7.65 -20.96
CA GLY B 688 4.04 -7.98 -20.44
C GLY B 688 3.16 -8.74 -21.40
N TYR B 689 3.66 -9.05 -22.60
CA TYR B 689 2.90 -9.84 -23.56
C TYR B 689 2.68 -11.25 -23.03
N GLU B 690 1.42 -11.58 -22.75
CA GLU B 690 1.07 -12.88 -22.15
C GLU B 690 0.50 -13.77 -23.24
N ASN B 691 1.28 -14.76 -23.66
CA ASN B 691 0.81 -15.75 -24.61
C ASN B 691 -0.07 -16.78 -23.91
N ALA B 692 -0.76 -17.58 -24.72
CA ALA B 692 -1.65 -18.61 -24.21
C ALA B 692 -1.16 -20.03 -24.47
N ASP B 693 0.01 -20.19 -25.07
CA ASP B 693 0.53 -21.52 -25.34
C ASP B 693 1.05 -22.15 -24.05
N ALA B 694 1.28 -23.47 -24.12
CA ALA B 694 1.77 -24.20 -22.96
C ALA B 694 3.16 -23.73 -22.56
N HIS B 695 4.05 -23.52 -23.54
CA HIS B 695 5.41 -23.09 -23.28
C HIS B 695 5.86 -22.12 -24.35
N LEU B 696 6.52 -21.05 -23.94
CA LEU B 696 7.09 -20.06 -24.84
C LEU B 696 8.50 -19.73 -24.40
N GLU B 697 9.35 -19.37 -25.37
CA GLU B 697 10.75 -19.09 -25.12
C GLU B 697 11.08 -17.60 -25.14
N VAL B 698 10.67 -16.88 -26.17
CA VAL B 698 10.99 -15.47 -26.33
C VAL B 698 9.71 -14.68 -26.58
N CYS B 699 9.79 -13.38 -26.32
CA CYS B 699 8.65 -12.51 -26.53
C CYS B 699 8.52 -12.16 -28.01
N PRO B 700 7.38 -12.47 -28.65
CA PRO B 700 7.21 -12.07 -30.06
C PRO B 700 7.27 -10.57 -30.27
N LYS B 701 6.81 -9.77 -29.30
CA LYS B 701 6.82 -8.32 -29.46
C LYS B 701 8.24 -7.77 -29.47
N CYS B 702 9.08 -8.24 -28.55
CA CYS B 702 10.43 -7.71 -28.39
C CYS B 702 11.52 -8.73 -28.67
N GLY B 703 11.40 -9.93 -28.10
CA GLY B 703 12.49 -10.90 -28.19
C GLY B 703 13.29 -10.96 -26.91
N SER B 704 12.59 -10.96 -25.77
CA SER B 704 13.27 -11.00 -24.48
C SER B 704 13.99 -12.32 -24.30
N HIS B 705 14.98 -12.31 -23.41
CA HIS B 705 15.81 -13.50 -23.20
C HIS B 705 14.98 -14.68 -22.71
N HIS B 706 14.12 -14.46 -21.72
CA HIS B 706 13.33 -15.53 -21.14
C HIS B 706 11.94 -15.02 -20.80
N ILE B 707 11.00 -15.95 -20.74
CA ILE B 707 9.58 -15.66 -20.54
C ILE B 707 9.13 -16.35 -19.26
N ASP B 708 8.51 -15.59 -18.36
CA ASP B 708 8.05 -16.17 -17.10
C ASP B 708 6.67 -16.78 -17.27
N LYS B 709 6.23 -17.49 -16.23
CA LYS B 709 4.95 -18.18 -16.25
C LYS B 709 4.02 -17.61 -15.18
N LEU B 710 2.76 -17.42 -15.56
CA LEU B 710 1.73 -16.87 -14.69
C LEU B 710 0.65 -17.93 -14.49
N GLN B 711 0.29 -18.19 -13.24
CA GLN B 711 -0.77 -19.11 -12.88
C GLN B 711 -1.20 -18.81 -11.46
N ARG B 712 -2.23 -19.51 -11.00
CA ARG B 712 -2.80 -19.33 -9.67
C ARG B 712 -2.24 -20.42 -8.76
N ILE B 713 -1.57 -20.02 -7.69
CA ILE B 713 -0.90 -21.00 -6.83
C ILE B 713 -1.93 -21.86 -6.11
N THR B 714 -2.69 -21.27 -5.19
CA THR B 714 -3.73 -22.03 -4.51
C THR B 714 -5.04 -21.26 -4.44
N GLY B 715 -4.97 -19.95 -4.22
CA GLY B 715 -6.17 -19.15 -4.11
C GLY B 715 -6.03 -17.75 -4.68
N TYR B 716 -4.90 -17.48 -5.34
CA TYR B 716 -4.69 -16.17 -5.94
C TYR B 716 -3.63 -16.28 -7.02
N LEU B 717 -3.63 -15.30 -7.92
CA LEU B 717 -2.69 -15.27 -9.01
C LEU B 717 -1.33 -14.78 -8.53
N VAL B 718 -0.27 -15.32 -9.12
CA VAL B 718 1.10 -14.93 -8.78
C VAL B 718 1.87 -14.68 -10.07
N GLY B 719 2.58 -13.57 -10.13
CA GLY B 719 3.23 -13.11 -11.34
C GLY B 719 4.34 -14.01 -11.88
N THR B 720 5.44 -14.12 -11.14
CA THR B 720 6.62 -14.84 -11.61
C THR B 720 6.72 -16.20 -10.95
N THR B 721 7.29 -17.15 -11.69
CA THR B 721 7.48 -18.50 -11.17
C THR B 721 8.54 -18.55 -10.09
N ASP B 722 9.37 -17.51 -9.96
CA ASP B 722 10.42 -17.47 -8.96
C ASP B 722 9.93 -16.94 -7.61
N ARG B 723 8.63 -16.83 -7.42
CA ARG B 723 8.04 -16.47 -6.13
C ARG B 723 7.37 -17.65 -5.47
N TRP B 724 7.38 -18.83 -6.10
CA TRP B 724 6.69 -20.01 -5.59
C TRP B 724 7.57 -20.73 -4.58
N ASN B 725 6.91 -21.43 -3.66
CA ASN B 725 7.60 -22.40 -2.82
C ASN B 725 8.03 -23.58 -3.69
N SER B 726 9.19 -24.17 -3.37
CA SER B 726 9.65 -25.33 -4.12
C SER B 726 8.65 -26.48 -4.02
N GLY B 727 8.04 -26.65 -2.85
CA GLY B 727 7.02 -27.67 -2.70
C GLY B 727 5.84 -27.44 -3.62
N LYS B 728 5.33 -26.21 -3.66
CA LYS B 728 4.25 -25.84 -4.56
C LYS B 728 4.70 -25.72 -6.01
N LEU B 729 5.96 -25.39 -6.26
CA LEU B 729 6.49 -25.40 -7.61
C LEU B 729 6.56 -26.80 -8.18
N ALA B 730 6.81 -27.81 -7.34
CA ALA B 730 6.73 -29.19 -7.80
C ALA B 730 5.30 -29.58 -8.17
N GLU B 731 4.32 -29.12 -7.39
CA GLU B 731 2.93 -29.37 -7.75
C GLU B 731 2.57 -28.68 -9.06
N LEU B 732 3.05 -27.45 -9.25
CA LEU B 732 2.80 -26.74 -10.50
C LEU B 732 3.43 -27.47 -11.68
N HIS B 733 4.64 -27.99 -11.51
CA HIS B 733 5.31 -28.67 -12.61
C HIS B 733 4.60 -29.96 -13.00
N ASP B 734 3.93 -30.62 -12.05
CA ASP B 734 3.27 -31.89 -12.30
C ASP B 734 1.77 -31.74 -12.53
N ARG B 735 1.28 -30.51 -12.72
CA ARG B 735 -0.13 -30.31 -13.00
C ARG B 735 -0.52 -30.92 -14.34
N VAL B 736 -1.72 -31.50 -14.40
CA VAL B 736 -2.26 -32.12 -15.59
C VAL B 736 -3.55 -31.42 -15.97
N THR B 737 -3.65 -31.03 -17.24
CA THR B 737 -4.82 -30.33 -17.74
C THR B 737 -6.03 -31.26 -17.78
N HIS B 738 -7.19 -30.72 -17.38
CA HIS B 738 -8.44 -31.47 -17.41
C HIS B 738 -9.31 -31.14 -18.62
N ILE B 739 -9.19 -29.93 -19.16
CA ILE B 739 -9.96 -29.49 -20.32
C ILE B 739 -11.46 -29.63 -20.09
PA TTP C . -6.05 6.98 -18.20
O1A TTP C . -5.92 8.49 -18.18
O2A TTP C . -7.50 6.56 -18.06
O3A TTP C . -5.36 6.36 -19.52
PB TTP C . -6.20 5.68 -20.71
O1B TTP C . -5.27 4.84 -21.55
O2B TTP C . -7.35 4.86 -20.19
O3B TTP C . -6.69 6.95 -21.55
PG TTP C . -8.12 6.96 -22.30
O1G TTP C . -8.15 5.87 -23.34
O2G TTP C . -8.32 8.30 -22.96
O3G TTP C . -9.21 6.73 -21.29
O5' TTP C . -5.16 6.33 -17.04
C5' TTP C . -3.73 6.25 -17.18
C4' TTP C . -3.27 5.05 -16.38
O4' TTP C . -3.33 5.36 -15.00
C3' TTP C . -4.20 3.87 -16.62
O3' TTP C . -3.51 2.78 -17.23
C2' TTP C . -4.73 3.46 -15.27
C1' TTP C . -3.96 4.31 -14.26
N1 TTP C . -4.86 4.89 -13.28
C2 TTP C . -4.70 4.55 -11.93
O2 TTP C . -3.80 3.75 -11.60
N3 TTP C . -5.50 5.05 -10.98
C4 TTP C . -6.47 5.91 -11.30
O4 TTP C . -7.21 6.38 -10.42
C5 TTP C . -6.66 6.30 -12.71
C5M TTP C . -7.74 7.26 -13.11
C6 TTP C . -5.81 5.75 -13.67
MG MG D . -15.43 17.49 -4.50
MG MG E . -9.45 5.58 -19.53
PA TTP F . -16.89 14.44 -3.08
O1A TTP F . -18.23 14.05 -2.49
O2A TTP F . -16.71 13.83 -4.45
O3A TTP F . -16.70 16.03 -3.17
PB TTP F . -17.75 17.06 -2.52
O1B TTP F . -18.43 16.49 -1.30
O2B TTP F . -17.06 18.35 -2.17
O3B TTP F . -18.80 17.29 -3.73
PG TTP F . -19.04 18.77 -4.31
O1G TTP F . -17.75 19.22 -4.97
O2G TTP F . -20.15 18.73 -5.33
O3G TTP F . -19.39 19.71 -3.19
O5' TTP F . -15.67 14.02 -2.12
C5' TTP F . -15.88 13.10 -1.04
C4' TTP F . -14.56 12.96 -0.31
O4' TTP F . -13.77 11.95 -0.93
C3' TTP F . -13.76 14.26 -0.41
O3' TTP F . -13.60 14.83 0.89
C2' TTP F . -12.41 13.88 -0.98
C1' TTP F . -12.41 12.36 -1.00
N1 TTP F . -11.78 11.84 -2.22
C2 TTP F . -10.60 11.08 -2.11
O2 TTP F . -10.11 10.89 -0.98
N3 TTP F . -9.99 10.58 -3.18
C4 TTP F . -10.49 10.78 -4.39
O4 TTP F . -9.92 10.32 -5.40
C5 TTP F . -11.74 11.57 -4.55
C5M TTP F . -12.32 11.81 -5.91
C6 TTP F . -12.34 12.07 -3.41
PG GTP G . 0.56 -19.46 6.61
O1G GTP G . 1.86 -20.13 7.01
O2G GTP G . 0.55 -18.05 7.12
O3G GTP G . -0.60 -20.23 7.19
O3B GTP G . 0.46 -19.48 5.01
PB GTP G . -0.32 -20.69 4.27
O1B GTP G . 0.23 -20.83 2.88
O2B GTP G . -0.19 -21.97 5.04
O3A GTP G . -1.85 -20.18 4.22
PA GTP G . -2.65 -20.09 2.83
O1A GTP G . -2.29 -18.81 2.10
O2A GTP G . -2.34 -21.28 1.96
O5' GTP G . -4.20 -20.09 3.25
C5' GTP G . -5.06 -19.06 2.81
C4' GTP G . -5.09 -17.90 3.80
O4' GTP G . -3.87 -17.21 3.78
C3' GTP G . -6.16 -16.87 3.44
O3' GTP G . -7.32 -17.07 4.22
C2' GTP G . -5.53 -15.53 3.77
O2' GTP G . -6.07 -15.04 4.97
C1' GTP G . -4.04 -15.81 3.93
N9 GTP G . -3.28 -15.12 2.88
C8 GTP G . -2.61 -15.73 1.86
N7 GTP G . -2.03 -14.78 1.10
C5 GTP G . -2.32 -13.58 1.61
C6 GTP G . -1.97 -12.29 1.22
O6 GTP G . -1.27 -12.13 0.22
N1 GTP G . -2.42 -11.21 1.95
C2 GTP G . -3.20 -11.41 3.07
N2 GTP G . -3.63 -10.37 3.77
N3 GTP G . -3.54 -12.70 3.45
C4 GTP G . -3.11 -13.77 2.74
ZN ZN H . 8.83 -8.57 -24.69
#